data_2CFL
#
_entry.id   2CFL
#
_cell.length_a   157.980
_cell.length_b   63.097
_cell.length_c   92.024
_cell.angle_alpha   90.00
_cell.angle_beta   112.22
_cell.angle_gamma   90.00
#
_symmetry.space_group_name_H-M   'C 1 2 1'
#
loop_
_entity.id
_entity.type
_entity.pdbx_description
1 polymer 'PHENYLETHYLAMINE OXIDASE'
2 non-polymer 'COPPER (II) ION'
3 non-polymer 'SODIUM ION'
4 non-polymer 'RUTHENIUM WIRE, 6 CARBON LINKER'
5 non-polymer 'SULFATE ION'
6 non-polymer GLYCEROL
7 water water
#
_entity_poly.entity_id   1
_entity_poly.type   'polypeptide(L)'
_entity_poly.pdbx_seq_one_letter_code
;PSTIQTASPFRLASAGEISEVQGILRTAGLLGPEKRIAYLGVLDPARGAGSEAEDRRFRVFIHDVSGARPQEVTVSVTNG
TVISAVELDTAATGELPVLEEEFEVVEQLLATDERWLKALAARNLDVSKVRVAPLSAGVFEYAEERGRRILRGLAFVQDF
PEDSAWAHPVDGLVAYVDVVSKEVTRVIDTGVFPVPAEHGNYTDPELTGPLRTTQKPISITQPEGPSFTVTGGNHIEWEK
WSLDVGFDVREGVVLHNIAFRDGDRLRPIINRASIAEMVVPYGDPSPIRSWQNYFDTGEYLVGQYANSLELGCDCLGDIT
YLSPVISDAFGNPREIRNGICMHEEDWGILAKHSDLWSGINYTRRNRRMVISFFTTIGN(TPQ)DYGFYWYLYLDGTIEF
EAKATGVVFTSAFPEGGSDNISQLAPGLGAPFHQHIFSARLDMAIDGFTNRVEEEDVVRQTMGPGNERGNAFSRKRTVLT
RESEAVREADARTGRTWIISNPESKNRLNEPVGYKLHAHNQPTLLADPGSSIARRAAFATKDLWVTRYADDERYPTGDFV
NQHSGGAGLPSYIAQDRDIDGQDIVVWHTFGLTHFPRVEDWPIMPVDTVGFKLRPEGFFDRSPVLDVPANPSQSGSHCHG
SNWSHPQFEK
;
_entity_poly.pdbx_strand_id   A
#
loop_
_chem_comp.id
_chem_comp.type
_chem_comp.name
_chem_comp.formula
CU non-polymer 'COPPER (II) ION' 'Cu 2'
GOL non-polymer GLYCEROL 'C3 H8 O3'
NA non-polymer 'SODIUM ION' 'Na 1'
R6A non-polymer 'RUTHENIUM WIRE, 6 CARBON LINKER' 'C46 H63 N7 O Ru'
SO4 non-polymer 'SULFATE ION' 'O4 S -2'
#
# COMPACT_ATOMS: atom_id res chain seq x y z
N ALA A 7 27.37 7.45 2.72
CA ALA A 7 27.87 6.26 3.48
C ALA A 7 26.75 5.30 3.90
N SER A 8 25.51 5.79 4.07
CA SER A 8 24.46 4.97 4.65
C SER A 8 24.02 3.82 3.75
N PRO A 9 24.01 2.60 4.28
CA PRO A 9 23.52 1.44 3.52
C PRO A 9 22.03 1.48 3.25
N PHE A 10 21.32 2.45 3.84
CA PHE A 10 19.90 2.67 3.59
C PHE A 10 19.61 3.78 2.59
N ARG A 11 20.63 4.31 1.94
CA ARG A 11 20.45 5.32 0.92
C ARG A 11 19.61 4.78 -0.24
N LEU A 12 18.86 5.67 -0.86
CA LEU A 12 18.15 5.36 -2.09
C LEU A 12 19.07 4.79 -3.16
N ALA A 13 18.50 3.94 -4.00
CA ALA A 13 19.18 3.49 -5.20
C ALA A 13 19.50 4.68 -6.11
N SER A 14 20.72 4.73 -6.64
CA SER A 14 21.10 5.77 -7.58
C SER A 14 21.00 5.23 -9.01
N ALA A 15 20.99 6.15 -9.98
CA ALA A 15 20.94 5.78 -11.38
C ALA A 15 22.12 4.89 -11.71
N GLY A 16 23.28 5.27 -11.19
CA GLY A 16 24.49 4.48 -11.33
C GLY A 16 24.38 3.05 -10.90
N GLU A 17 23.78 2.80 -9.74
CA GLU A 17 23.63 1.42 -9.22
C GLU A 17 22.75 0.57 -10.12
N ILE A 18 21.68 1.17 -10.63
CA ILE A 18 20.78 0.44 -11.53
C ILE A 18 21.48 0.13 -12.85
N SER A 19 22.17 1.09 -13.45
CA SER A 19 22.91 0.79 -14.68
C SER A 19 23.97 -0.26 -14.39
N GLU A 20 24.50 -0.31 -13.17
CA GLU A 20 25.51 -1.32 -12.83
C GLU A 20 24.92 -2.71 -12.67
N VAL A 21 23.72 -2.80 -12.09
CA VAL A 21 22.98 -4.06 -12.04
C VAL A 21 22.75 -4.54 -13.46
N GLN A 22 22.33 -3.61 -14.33
CA GLN A 22 22.12 -3.92 -15.72
C GLN A 22 23.41 -4.50 -16.32
N GLY A 23 24.52 -3.84 -16.06
CA GLY A 23 25.82 -4.27 -16.56
C GLY A 23 26.26 -5.64 -16.06
N ILE A 24 26.08 -5.89 -14.78
CA ILE A 24 26.43 -7.16 -14.18
C ILE A 24 25.58 -8.29 -14.76
N LEU A 25 24.29 -8.04 -14.92
CA LEU A 25 23.39 -9.05 -15.46
C LEU A 25 23.75 -9.37 -16.90
N ARG A 26 24.08 -8.34 -17.66
CA ARG A 26 24.46 -8.48 -19.06
C ARG A 26 25.72 -9.30 -19.15
N THR A 27 26.73 -8.91 -18.38
CA THR A 27 28.02 -9.57 -18.39
C THR A 27 27.88 -11.04 -18.03
N ALA A 28 26.91 -11.36 -17.17
CA ALA A 28 26.69 -12.72 -16.68
C ALA A 28 25.80 -13.58 -17.60
N GLY A 29 25.29 -13.00 -18.69
CA GLY A 29 24.45 -13.72 -19.64
C GLY A 29 22.98 -13.83 -19.26
N LEU A 30 22.55 -13.01 -18.29
CA LEU A 30 21.19 -13.07 -17.76
C LEU A 30 20.28 -11.99 -18.32
N LEU A 31 20.80 -11.10 -19.16
CA LEU A 31 19.99 -9.98 -19.66
C LEU A 31 20.19 -9.68 -21.16
N GLY A 32 20.03 -10.71 -21.96
CA GLY A 32 19.97 -10.58 -23.41
C GLY A 32 18.74 -9.82 -23.89
N PRO A 33 18.64 -9.62 -25.21
CA PRO A 33 17.60 -8.76 -25.80
C PRO A 33 16.15 -9.27 -25.62
N GLU A 34 15.94 -10.54 -25.31
CA GLU A 34 14.58 -11.07 -25.02
C GLU A 34 14.21 -10.95 -23.52
N LYS A 35 15.14 -10.46 -22.70
CA LYS A 35 14.87 -10.34 -21.27
C LYS A 35 14.26 -9.00 -20.91
N ARG A 36 13.42 -9.02 -19.86
CA ARG A 36 12.76 -7.82 -19.34
C ARG A 36 12.72 -7.83 -17.81
N ILE A 37 13.06 -6.72 -17.20
CA ILE A 37 13.04 -6.60 -15.75
C ILE A 37 11.61 -6.30 -15.32
N ALA A 38 10.97 -7.24 -14.63
CA ALA A 38 9.64 -7.04 -14.08
C ALA A 38 9.67 -6.44 -12.68
N TYR A 39 10.77 -6.64 -11.96
CA TYR A 39 10.98 -6.05 -10.66
C TYR A 39 12.47 -5.88 -10.39
N LEU A 40 12.81 -4.78 -9.76
CA LEU A 40 14.18 -4.52 -9.33
C LEU A 40 14.12 -3.64 -8.11
N GLY A 41 14.79 -4.07 -7.04
CA GLY A 41 14.92 -3.28 -5.84
C GLY A 41 16.12 -3.64 -5.00
N VAL A 42 16.57 -2.68 -4.22
CA VAL A 42 17.64 -2.88 -3.27
C VAL A 42 17.16 -3.72 -2.08
N LEU A 43 18.02 -4.59 -1.60
CA LEU A 43 17.73 -5.38 -0.40
C LEU A 43 18.19 -4.61 0.81
N ASP A 44 17.47 -4.74 1.90
CA ASP A 44 17.90 -4.17 3.17
C ASP A 44 19.15 -4.92 3.65
N PRO A 45 20.02 -4.24 4.39
CA PRO A 45 21.18 -4.93 4.98
C PRO A 45 20.71 -6.01 5.94
N ALA A 46 21.48 -7.08 6.07
CA ALA A 46 21.19 -8.14 7.03
C ALA A 46 21.31 -7.64 8.47
N ARG A 47 20.62 -8.31 9.37
CA ARG A 47 20.74 -8.08 10.81
C ARG A 47 22.20 -8.19 11.26
N GLY A 48 22.66 -7.22 12.05
CA GLY A 48 24.01 -7.20 12.59
C GLY A 48 25.11 -6.89 11.57
N ALA A 49 24.72 -6.34 10.43
CA ALA A 49 25.64 -6.08 9.32
C ALA A 49 26.34 -4.73 9.43
N GLY A 50 25.93 -3.90 10.39
CA GLY A 50 26.58 -2.62 10.64
C GLY A 50 28.07 -2.74 10.89
N SER A 51 28.48 -3.83 11.55
CA SER A 51 29.90 -4.10 11.80
C SER A 51 30.71 -4.36 10.52
N GLU A 52 30.12 -5.09 9.58
CA GLU A 52 30.75 -5.37 8.28
C GLU A 52 30.69 -4.15 7.34
N ALA A 53 31.56 -4.12 6.33
CA ALA A 53 31.51 -3.07 5.30
C ALA A 53 30.27 -3.25 4.42
N GLU A 54 29.89 -2.18 3.70
CA GLU A 54 28.67 -2.20 2.87
C GLU A 54 28.67 -3.29 1.80
N ASP A 55 27.57 -4.02 1.71
CA ASP A 55 27.25 -4.84 0.53
C ASP A 55 25.88 -4.45 0.01
N ARG A 56 25.86 -3.58 -1.01
CA ARG A 56 24.64 -3.19 -1.66
C ARG A 56 24.20 -4.30 -2.61
N ARG A 57 23.09 -4.94 -2.26
CA ARG A 57 22.54 -6.03 -3.05
C ARG A 57 21.18 -5.65 -3.61
N PHE A 58 20.93 -6.11 -4.82
CA PHE A 58 19.69 -5.87 -5.53
C PHE A 58 19.05 -7.16 -5.93
N ARG A 59 17.73 -7.20 -5.83
CA ARG A 59 16.95 -8.33 -6.21
C ARG A 59 16.16 -7.99 -7.48
N VAL A 60 16.16 -8.93 -8.41
CA VAL A 60 15.63 -8.71 -9.73
C VAL A 60 14.80 -9.92 -10.17
N PHE A 61 13.60 -9.67 -10.71
CA PHE A 61 12.80 -10.69 -11.37
C PHE A 61 12.89 -10.43 -12.87
N ILE A 62 13.42 -11.40 -13.63
CA ILE A 62 13.64 -11.23 -15.06
C ILE A 62 12.66 -12.08 -15.85
N HIS A 63 11.81 -11.42 -16.63
CA HIS A 63 10.87 -12.04 -17.56
C HIS A 63 11.55 -12.25 -18.93
N ASP A 64 11.05 -13.21 -19.70
CA ASP A 64 11.57 -13.55 -21.02
C ASP A 64 10.40 -13.50 -22.01
N VAL A 65 10.48 -12.59 -22.98
CA VAL A 65 9.38 -12.40 -23.94
C VAL A 65 9.21 -13.53 -24.96
N SER A 66 10.19 -14.41 -25.07
CA SER A 66 10.14 -15.54 -26.00
C SER A 66 9.49 -16.80 -25.37
N GLY A 67 9.07 -16.71 -24.11
CA GLY A 67 8.37 -17.81 -23.46
C GLY A 67 9.21 -18.71 -22.57
N ALA A 68 10.51 -18.41 -22.45
CA ALA A 68 11.38 -19.15 -21.52
C ALA A 68 11.04 -18.79 -20.07
N ARG A 69 11.50 -19.61 -19.14
CA ARG A 69 11.13 -19.46 -17.72
C ARG A 69 11.82 -18.21 -17.17
N PRO A 70 11.14 -17.47 -16.31
CA PRO A 70 11.74 -16.27 -15.73
C PRO A 70 12.72 -16.64 -14.62
N GLN A 71 13.49 -15.68 -14.16
CA GLN A 71 14.49 -15.92 -13.14
C GLN A 71 14.36 -14.94 -11.99
N GLU A 72 14.66 -15.41 -10.80
CA GLU A 72 14.91 -14.55 -9.66
C GLU A 72 16.41 -14.48 -9.46
N VAL A 73 16.93 -13.26 -9.39
CA VAL A 73 18.38 -13.02 -9.35
C VAL A 73 18.72 -12.01 -8.26
N THR A 74 19.77 -12.30 -7.51
CA THR A 74 20.29 -11.38 -6.54
C THR A 74 21.69 -10.99 -6.98
N VAL A 75 21.96 -9.70 -7.02
CA VAL A 75 23.21 -9.13 -7.54
C VAL A 75 23.88 -8.30 -6.44
N SER A 76 25.19 -8.42 -6.28
CA SER A 76 25.96 -7.49 -5.46
C SER A 76 26.55 -6.39 -6.33
N VAL A 77 26.02 -5.17 -6.27
CA VAL A 77 26.51 -4.11 -7.14
C VAL A 77 27.83 -3.58 -6.62
N THR A 78 28.06 -3.71 -5.33
CA THR A 78 29.35 -3.34 -4.72
C THR A 78 30.48 -4.19 -5.31
N ASN A 79 30.24 -5.50 -5.39
CA ASN A 79 31.27 -6.45 -5.82
C ASN A 79 31.23 -6.81 -7.31
N GLY A 80 30.20 -6.33 -8.01
CA GLY A 80 30.04 -6.62 -9.42
C GLY A 80 29.73 -8.07 -9.74
N THR A 81 29.00 -8.76 -8.84
CA THR A 81 28.78 -10.19 -8.99
C THR A 81 27.31 -10.58 -8.96
N VAL A 82 27.02 -11.75 -9.52
CA VAL A 82 25.74 -12.39 -9.31
C VAL A 82 25.88 -13.30 -8.09
N ILE A 83 25.14 -13.01 -7.03
CA ILE A 83 25.09 -13.86 -5.83
C ILE A 83 24.30 -15.15 -6.08
N SER A 84 23.12 -15.04 -6.67
CA SER A 84 22.30 -16.22 -7.00
C SER A 84 21.35 -15.94 -8.18
N ALA A 85 21.06 -16.98 -8.95
CA ALA A 85 20.10 -16.89 -10.04
C ALA A 85 19.35 -18.21 -10.11
N VAL A 86 18.02 -18.15 -10.13
CA VAL A 86 17.21 -19.37 -10.07
C VAL A 86 16.02 -19.28 -11.03
N GLU A 87 15.78 -20.33 -11.81
CA GLU A 87 14.66 -20.34 -12.74
C GLU A 87 13.39 -20.57 -11.94
N LEU A 88 12.37 -19.79 -12.26
CA LEU A 88 11.10 -19.92 -11.58
C LEU A 88 10.18 -20.81 -12.38
N ASP A 89 9.39 -21.59 -11.68
CA ASP A 89 8.30 -22.35 -12.26
C ASP A 89 7.02 -21.60 -11.86
N THR A 90 6.48 -20.76 -12.76
CA THR A 90 5.41 -19.84 -12.40
C THR A 90 4.07 -20.52 -12.10
N ALA A 91 3.84 -21.71 -12.65
CA ALA A 91 2.62 -22.45 -12.33
C ALA A 91 2.57 -22.81 -10.84
N ALA A 92 3.76 -23.03 -10.27
CA ALA A 92 3.90 -23.33 -8.85
C ALA A 92 3.94 -22.06 -7.98
N THR A 93 4.92 -21.20 -8.20
CA THR A 93 5.21 -20.12 -7.26
C THR A 93 4.57 -18.75 -7.63
N GLY A 94 4.02 -18.63 -8.84
CA GLY A 94 3.34 -17.40 -9.25
C GLY A 94 3.98 -16.74 -10.44
N GLU A 95 3.18 -16.00 -11.20
CA GLU A 95 3.68 -15.22 -12.32
C GLU A 95 4.30 -13.95 -11.80
N LEU A 96 5.19 -13.38 -12.61
CA LEU A 96 5.86 -12.14 -12.27
C LEU A 96 4.82 -11.01 -12.33
N PRO A 97 5.13 -9.87 -11.70
CA PRO A 97 4.26 -8.68 -11.79
C PRO A 97 3.97 -8.26 -13.24
N VAL A 98 2.79 -7.71 -13.46
CA VAL A 98 2.38 -7.18 -14.76
C VAL A 98 3.42 -6.16 -15.20
N LEU A 99 3.82 -6.25 -16.46
CA LEU A 99 4.76 -5.31 -17.06
C LEU A 99 4.00 -4.14 -17.64
N GLU A 100 4.56 -2.94 -17.48
CA GLU A 100 3.98 -1.71 -18.04
C GLU A 100 3.70 -1.88 -19.53
N GLU A 101 4.62 -2.54 -20.24
CA GLU A 101 4.48 -2.73 -21.69
C GLU A 101 3.35 -3.69 -22.09
N GLU A 102 2.82 -4.46 -21.14
CA GLU A 102 1.72 -5.39 -21.44
C GLU A 102 0.33 -4.72 -21.40
N PHE A 103 0.25 -3.49 -20.91
CA PHE A 103 -1.03 -2.85 -20.65
C PHE A 103 -1.79 -2.46 -21.92
N GLU A 104 -1.06 -2.09 -22.96
CA GLU A 104 -1.64 -1.80 -24.26
C GLU A 104 -2.02 -3.07 -25.01
N VAL A 105 -1.36 -4.18 -24.67
CA VAL A 105 -1.44 -5.41 -25.44
C VAL A 105 -2.83 -6.04 -25.45
N VAL A 106 -3.60 -5.87 -24.39
CA VAL A 106 -4.94 -6.49 -24.35
C VAL A 106 -5.83 -5.84 -25.42
N GLU A 107 -5.83 -4.51 -25.48
CA GLU A 107 -6.64 -3.78 -26.45
C GLU A 107 -6.21 -4.09 -27.89
N GLN A 108 -4.90 -4.05 -28.12
CA GLN A 108 -4.30 -4.25 -29.43
C GLN A 108 -4.60 -5.62 -30.03
N LEU A 109 -4.53 -6.66 -29.22
CA LEU A 109 -4.82 -8.02 -29.69
C LEU A 109 -6.31 -8.18 -29.96
N LEU A 110 -7.13 -7.64 -29.07
CA LEU A 110 -8.58 -7.79 -29.15
C LEU A 110 -9.16 -7.12 -30.38
N ALA A 111 -8.49 -6.06 -30.83
CA ALA A 111 -8.97 -5.24 -31.94
C ALA A 111 -9.01 -5.96 -33.29
N THR A 112 -8.30 -7.08 -33.44
CA THR A 112 -8.37 -7.89 -34.66
C THR A 112 -8.91 -9.30 -34.39
N ASP A 113 -9.51 -9.53 -33.22
CA ASP A 113 -10.12 -10.83 -32.91
C ASP A 113 -11.58 -10.82 -33.33
N GLU A 114 -11.99 -11.84 -34.10
CA GLU A 114 -13.33 -11.83 -34.71
C GLU A 114 -14.44 -11.94 -33.66
N ARG A 115 -14.19 -12.61 -32.53
CA ARG A 115 -15.21 -12.72 -31.49
C ARG A 115 -15.43 -11.36 -30.80
N TRP A 116 -14.34 -10.65 -30.52
CA TRP A 116 -14.39 -9.33 -29.93
C TRP A 116 -15.10 -8.35 -30.85
N LEU A 117 -14.68 -8.35 -32.10
CA LEU A 117 -15.32 -7.49 -33.10
C LEU A 117 -16.82 -7.78 -33.27
N LYS A 118 -17.21 -9.04 -33.19
CA LYS A 118 -18.62 -9.41 -33.24
C LYS A 118 -19.38 -8.84 -32.05
N ALA A 119 -18.77 -8.89 -30.87
CA ALA A 119 -19.37 -8.36 -29.66
C ALA A 119 -19.55 -6.85 -29.76
N LEU A 120 -18.56 -6.16 -30.32
CA LEU A 120 -18.63 -4.70 -30.40
C LEU A 120 -19.69 -4.30 -31.45
N ALA A 121 -19.75 -5.04 -32.56
CA ALA A 121 -20.72 -4.77 -33.61
C ALA A 121 -22.15 -5.00 -33.12
N ALA A 122 -22.36 -5.98 -32.24
CA ALA A 122 -23.70 -6.21 -31.65
C ALA A 122 -24.18 -5.01 -30.82
N ARG A 123 -23.23 -4.18 -30.37
CA ARG A 123 -23.48 -3.01 -29.54
C ARG A 123 -23.28 -1.69 -30.29
N ASN A 124 -22.98 -1.81 -31.59
CA ASN A 124 -22.80 -0.67 -32.49
C ASN A 124 -21.69 0.26 -32.00
N LEU A 125 -20.60 -0.35 -31.57
CA LEU A 125 -19.45 0.37 -31.04
C LEU A 125 -18.26 0.32 -32.02
N ASP A 126 -17.73 1.48 -32.35
CA ASP A 126 -16.56 1.62 -33.19
C ASP A 126 -15.33 1.11 -32.42
N VAL A 127 -14.69 0.06 -32.91
CA VAL A 127 -13.50 -0.51 -32.28
C VAL A 127 -12.40 0.52 -32.02
N SER A 128 -12.29 1.54 -32.87
CA SER A 128 -11.27 2.58 -32.66
C SER A 128 -11.51 3.41 -31.38
N LYS A 129 -12.75 3.39 -30.89
CA LYS A 129 -13.14 4.11 -29.69
C LYS A 129 -13.21 3.25 -28.42
N VAL A 130 -12.92 1.96 -28.52
CA VAL A 130 -13.04 1.05 -27.39
C VAL A 130 -11.70 0.82 -26.70
N ARG A 131 -11.62 1.33 -25.48
CA ARG A 131 -10.45 1.17 -24.62
C ARG A 131 -10.63 -0.14 -23.87
N VAL A 132 -9.55 -0.85 -23.63
CA VAL A 132 -9.62 -2.10 -22.89
C VAL A 132 -8.66 -1.99 -21.71
N ALA A 133 -9.21 -2.11 -20.52
CA ALA A 133 -8.41 -2.12 -19.30
C ALA A 133 -7.74 -3.48 -19.17
N PRO A 134 -6.43 -3.48 -18.95
CA PRO A 134 -5.65 -4.71 -18.78
C PRO A 134 -5.60 -5.11 -17.31
N LEU A 135 -6.37 -6.12 -16.95
CA LEU A 135 -6.66 -6.34 -15.56
C LEU A 135 -6.09 -7.67 -15.12
N SER A 136 -5.60 -7.71 -13.88
CA SER A 136 -5.01 -8.94 -13.35
C SER A 136 -6.10 -10.01 -13.37
N ALA A 137 -5.69 -11.26 -13.54
CA ALA A 137 -6.59 -12.36 -13.85
C ALA A 137 -7.02 -13.19 -12.63
N GLY A 138 -6.15 -13.27 -11.62
CA GLY A 138 -6.36 -14.12 -10.47
C GLY A 138 -6.32 -15.57 -10.89
N VAL A 139 -6.91 -16.44 -10.05
CA VAL A 139 -6.91 -17.89 -10.24
C VAL A 139 -8.34 -18.40 -10.00
N PHE A 140 -8.95 -18.92 -11.05
CA PHE A 140 -10.30 -19.44 -10.98
C PHE A 140 -10.34 -20.83 -11.62
N GLU A 141 -11.31 -21.10 -12.48
CA GLU A 141 -11.62 -22.48 -12.91
C GLU A 141 -10.99 -22.85 -14.27
N TYR A 142 -10.21 -21.93 -14.85
CA TYR A 142 -9.71 -22.09 -16.21
C TYR A 142 -8.32 -22.78 -16.24
N ALA A 143 -8.33 -24.10 -16.43
CA ALA A 143 -7.12 -24.93 -16.33
C ALA A 143 -5.99 -24.51 -17.29
N GLU A 144 -6.36 -24.00 -18.47
CA GLU A 144 -5.39 -23.59 -19.48
C GLU A 144 -4.53 -22.37 -19.08
N GLU A 145 -4.96 -21.63 -18.05
CA GLU A 145 -4.27 -20.41 -17.61
C GLU A 145 -3.06 -20.69 -16.71
N ARG A 146 -2.97 -21.91 -16.18
CA ARG A 146 -1.93 -22.24 -15.21
C ARG A 146 -0.56 -22.37 -15.89
N GLY A 147 0.41 -21.59 -15.42
CA GLY A 147 1.67 -21.41 -16.12
C GLY A 147 1.72 -20.38 -17.24
N ARG A 148 0.59 -19.77 -17.59
CA ARG A 148 0.54 -18.73 -18.63
C ARG A 148 0.33 -17.33 -18.02
N ARG A 149 0.90 -16.30 -18.66
CA ARG A 149 0.69 -14.91 -18.26
C ARG A 149 -0.55 -14.43 -18.95
N ILE A 150 -1.63 -14.28 -18.18
CA ILE A 150 -2.96 -13.88 -18.67
C ILE A 150 -3.33 -12.52 -18.12
N LEU A 151 -3.93 -11.68 -18.96
CA LEU A 151 -4.66 -10.50 -18.49
C LEU A 151 -6.09 -10.61 -19.00
N ARG A 152 -7.03 -10.10 -18.22
CA ARG A 152 -8.43 -10.03 -18.64
C ARG A 152 -8.75 -8.59 -19.03
N GLY A 153 -9.65 -8.41 -19.99
CA GLY A 153 -9.96 -7.09 -20.53
C GLY A 153 -11.44 -6.78 -20.34
N LEU A 154 -11.70 -5.61 -19.79
CA LEU A 154 -13.05 -5.04 -19.73
C LEU A 154 -13.02 -3.78 -20.56
N ALA A 155 -14.12 -3.53 -21.26
CA ALA A 155 -14.17 -2.46 -22.27
C ALA A 155 -14.91 -1.22 -21.78
N PHE A 156 -14.44 -0.07 -22.25
CA PHE A 156 -14.98 1.25 -21.92
C PHE A 156 -14.86 2.10 -23.17
N VAL A 157 -15.93 2.79 -23.54
CA VAL A 157 -15.94 3.59 -24.75
C VAL A 157 -15.45 5.01 -24.45
N GLN A 158 -14.61 5.53 -25.34
CA GLN A 158 -14.04 6.85 -25.24
C GLN A 158 -14.50 7.58 -26.52
N ASP A 159 -15.43 8.53 -26.36
CA ASP A 159 -16.09 9.20 -27.48
C ASP A 159 -15.14 10.06 -28.28
N PHE A 160 -14.13 10.57 -27.61
CA PHE A 160 -13.11 11.41 -28.26
C PHE A 160 -11.83 11.36 -27.41
N PRO A 161 -10.68 11.78 -27.95
CA PRO A 161 -9.40 11.62 -27.24
C PRO A 161 -9.41 12.04 -25.77
N GLU A 162 -10.11 13.13 -25.42
CA GLU A 162 -10.09 13.66 -24.06
C GLU A 162 -11.29 13.21 -23.18
N ASP A 163 -12.09 12.27 -23.68
CA ASP A 163 -13.25 11.76 -22.96
C ASP A 163 -12.86 10.79 -21.85
N SER A 164 -13.65 10.77 -20.78
CA SER A 164 -13.42 9.87 -19.67
C SER A 164 -14.15 8.58 -20.00
N ALA A 165 -13.42 7.53 -20.29
CA ALA A 165 -14.01 6.29 -20.78
C ALA A 165 -14.82 5.59 -19.73
N TRP A 166 -14.47 5.86 -18.46
CA TRP A 166 -15.11 5.27 -17.29
C TRP A 166 -16.61 5.55 -17.23
N ALA A 167 -17.05 6.62 -17.87
CA ALA A 167 -18.47 6.96 -18.01
C ALA A 167 -19.26 5.98 -18.87
N HIS A 168 -18.56 5.17 -19.70
CA HIS A 168 -19.18 4.37 -20.74
C HIS A 168 -18.73 2.90 -20.68
N PRO A 169 -18.97 2.22 -19.55
CA PRO A 169 -18.60 0.82 -19.47
C PRO A 169 -19.42 -0.02 -20.46
N VAL A 170 -18.78 -1.05 -21.02
CA VAL A 170 -19.43 -2.03 -21.89
C VAL A 170 -19.65 -3.33 -21.10
N ASP A 171 -20.82 -3.43 -20.49
CA ASP A 171 -21.12 -4.57 -19.62
C ASP A 171 -21.51 -5.75 -20.48
N GLY A 172 -21.43 -6.92 -19.89
CA GLY A 172 -21.85 -8.15 -20.53
C GLY A 172 -20.74 -8.78 -21.35
N LEU A 173 -19.54 -8.23 -21.25
CA LEU A 173 -18.46 -8.58 -22.15
C LEU A 173 -17.14 -8.58 -21.41
N VAL A 174 -16.42 -9.69 -21.52
CA VAL A 174 -15.08 -9.78 -20.97
C VAL A 174 -14.22 -10.69 -21.85
N ALA A 175 -12.92 -10.38 -21.95
CA ALA A 175 -12.01 -11.21 -22.72
C ALA A 175 -10.75 -11.54 -21.95
N TYR A 176 -10.15 -12.67 -22.27
CA TYR A 176 -8.96 -13.18 -21.61
C TYR A 176 -7.86 -13.28 -22.69
N VAL A 177 -6.65 -12.86 -22.36
CA VAL A 177 -5.56 -12.80 -23.34
C VAL A 177 -4.25 -13.31 -22.74
N ASP A 178 -3.54 -14.13 -23.51
CA ASP A 178 -2.20 -14.58 -23.21
C ASP A 178 -1.22 -13.56 -23.77
N VAL A 179 -0.64 -12.72 -22.91
CA VAL A 179 0.25 -11.64 -23.35
C VAL A 179 1.65 -12.06 -23.83
N VAL A 180 2.03 -13.33 -23.65
CA VAL A 180 3.31 -13.82 -24.17
C VAL A 180 3.18 -14.40 -25.57
N SER A 181 2.32 -15.40 -25.72
CA SER A 181 2.06 -15.98 -27.03
C SER A 181 1.24 -15.02 -27.89
N LYS A 182 0.68 -13.98 -27.26
CA LYS A 182 -0.14 -12.99 -27.95
C LYS A 182 -1.32 -13.66 -28.64
N GLU A 183 -2.13 -14.36 -27.86
CA GLU A 183 -3.37 -15.01 -28.31
C GLU A 183 -4.54 -14.61 -27.40
N VAL A 184 -5.73 -14.47 -27.98
CA VAL A 184 -6.94 -14.32 -27.19
C VAL A 184 -7.49 -15.69 -26.84
N THR A 185 -7.48 -16.07 -25.55
CA THR A 185 -7.96 -17.39 -25.16
C THR A 185 -9.47 -17.55 -25.09
N ARG A 186 -10.17 -16.49 -24.68
CA ARG A 186 -11.63 -16.54 -24.51
C ARG A 186 -12.23 -15.16 -24.69
N VAL A 187 -13.42 -15.12 -25.30
CA VAL A 187 -14.25 -13.92 -25.31
C VAL A 187 -15.64 -14.31 -24.81
N ILE A 188 -16.08 -13.73 -23.70
CA ILE A 188 -17.36 -14.06 -23.10
C ILE A 188 -18.34 -12.92 -23.31
N ASP A 189 -19.46 -13.22 -23.96
CA ASP A 189 -20.53 -12.25 -24.15
C ASP A 189 -21.80 -12.79 -23.52
N THR A 190 -22.24 -12.22 -22.38
CA THR A 190 -23.44 -12.68 -21.67
C THR A 190 -24.73 -11.97 -22.12
N GLY A 191 -24.58 -10.99 -23.00
CA GLY A 191 -25.71 -10.23 -23.51
C GLY A 191 -25.39 -8.75 -23.48
N VAL A 192 -26.12 -8.01 -24.31
CA VAL A 192 -25.91 -6.58 -24.41
C VAL A 192 -26.55 -5.87 -23.21
N PHE A 193 -25.84 -4.87 -22.69
CA PHE A 193 -26.39 -3.89 -21.77
C PHE A 193 -26.24 -2.53 -22.43
N PRO A 194 -27.16 -1.61 -22.15
CA PRO A 194 -27.00 -0.24 -22.65
C PRO A 194 -25.66 0.33 -22.18
N VAL A 195 -24.92 0.98 -23.07
CA VAL A 195 -23.67 1.63 -22.68
C VAL A 195 -24.09 2.99 -22.20
N PRO A 196 -23.85 3.32 -20.92
CA PRO A 196 -24.28 4.60 -20.35
C PRO A 196 -23.77 5.76 -21.21
N ALA A 197 -24.65 6.71 -21.50
CA ALA A 197 -24.38 7.73 -22.52
C ALA A 197 -23.84 9.06 -21.97
N GLU A 198 -24.24 9.40 -20.76
CA GLU A 198 -23.85 10.69 -20.18
C GLU A 198 -22.33 10.73 -20.00
N HIS A 199 -21.71 11.86 -20.32
CA HIS A 199 -20.27 12.00 -20.12
C HIS A 199 -19.92 12.31 -18.66
N GLY A 200 -18.65 12.06 -18.33
CA GLY A 200 -18.13 12.22 -16.98
C GLY A 200 -16.88 13.07 -17.00
N ASN A 201 -16.91 14.10 -17.84
CA ASN A 201 -15.75 14.96 -18.07
C ASN A 201 -15.72 16.14 -17.11
N TYR A 202 -15.00 15.95 -16.01
CA TYR A 202 -15.00 16.87 -14.88
C TYR A 202 -14.18 18.17 -15.15
N THR A 203 -13.60 18.31 -16.35
CA THR A 203 -13.04 19.63 -16.76
C THR A 203 -13.87 20.33 -17.85
N ASP A 204 -14.96 19.70 -18.28
CA ASP A 204 -15.87 20.32 -19.23
C ASP A 204 -16.77 21.36 -18.55
N PRO A 205 -16.71 22.62 -18.97
CA PRO A 205 -17.56 23.69 -18.37
C PRO A 205 -19.06 23.41 -18.34
N GLU A 206 -19.58 22.61 -19.26
CA GLU A 206 -21.00 22.24 -19.27
C GLU A 206 -21.41 21.42 -18.04
N LEU A 207 -20.45 20.68 -17.48
CA LEU A 207 -20.71 19.86 -16.30
C LEU A 207 -20.34 20.56 -14.99
N THR A 208 -19.21 21.26 -14.98
CA THR A 208 -18.75 21.96 -13.79
C THR A 208 -19.58 23.21 -13.52
N GLY A 209 -20.17 23.77 -14.57
CA GLY A 209 -20.70 25.12 -14.51
C GLY A 209 -19.56 26.11 -14.36
N PRO A 210 -19.89 27.39 -14.18
CA PRO A 210 -18.85 28.41 -13.97
C PRO A 210 -18.04 28.09 -12.71
N LEU A 211 -16.73 28.15 -12.82
CA LEU A 211 -15.89 27.83 -11.68
C LEU A 211 -16.10 28.88 -10.59
N ARG A 212 -15.98 28.46 -9.33
CA ARG A 212 -16.14 29.36 -8.20
C ARG A 212 -15.09 30.43 -8.23
N THR A 213 -15.49 31.64 -7.86
CA THR A 213 -14.54 32.75 -7.69
C THR A 213 -14.40 33.17 -6.24
N THR A 214 -14.82 32.30 -5.32
CA THR A 214 -14.99 32.66 -3.91
C THR A 214 -13.84 32.22 -3.02
N GLN A 215 -12.91 31.44 -3.55
CA GLN A 215 -11.79 30.97 -2.77
C GLN A 215 -10.68 31.99 -2.82
N LYS A 216 -10.38 32.58 -1.68
CA LYS A 216 -9.24 33.47 -1.52
C LYS A 216 -8.03 32.64 -1.16
N PRO A 217 -6.85 33.08 -1.56
CA PRO A 217 -5.63 32.32 -1.30
C PRO A 217 -5.34 32.00 0.17
N ILE A 218 -4.67 30.88 0.36
CA ILE A 218 -4.07 30.52 1.63
C ILE A 218 -2.61 30.34 1.30
N SER A 219 -1.76 31.05 2.01
CA SER A 219 -0.34 30.99 1.76
C SER A 219 0.34 30.39 2.98
N ILE A 220 1.07 29.30 2.75
CA ILE A 220 1.85 28.65 3.78
C ILE A 220 3.31 28.73 3.43
N THR A 221 4.08 29.42 4.27
CA THR A 221 5.50 29.60 4.03
C THR A 221 6.30 29.37 5.29
N GLN A 222 7.57 29.11 5.08
CA GLN A 222 8.52 28.98 6.16
C GLN A 222 9.68 29.93 5.80
N PRO A 223 9.68 31.13 6.38
CA PRO A 223 10.67 32.16 5.98
C PRO A 223 12.10 31.81 6.37
N GLU A 224 12.30 30.97 7.40
CA GLU A 224 13.62 30.45 7.74
C GLU A 224 13.90 29.03 7.18
N GLY A 225 13.08 28.55 6.25
CA GLY A 225 13.17 27.19 5.76
C GLY A 225 12.56 26.18 6.74
N PRO A 226 12.64 24.89 6.43
CA PRO A 226 12.00 23.85 7.25
C PRO A 226 12.83 23.47 8.45
N SER A 227 12.18 22.85 9.44
CA SER A 227 12.83 22.49 10.70
C SER A 227 13.51 21.14 10.61
N PHE A 228 13.31 20.42 9.52
CA PHE A 228 13.99 19.13 9.33
C PHE A 228 15.19 19.29 8.45
N THR A 229 16.14 18.37 8.59
CA THR A 229 17.32 18.30 7.72
C THR A 229 17.28 16.99 6.94
N VAL A 230 17.82 17.03 5.74
CA VAL A 230 18.05 15.85 4.92
C VAL A 230 19.55 15.74 4.67
N THR A 231 20.13 14.58 5.00
CA THR A 231 21.52 14.27 4.74
C THR A 231 21.63 12.87 4.14
N GLY A 232 22.74 12.62 3.43
CA GLY A 232 22.92 11.38 2.70
C GLY A 232 21.82 11.07 1.69
N GLY A 233 21.20 12.11 1.14
CA GLY A 233 20.08 11.98 0.21
C GLY A 233 18.69 11.68 0.82
N ASN A 234 18.66 10.95 1.91
CA ASN A 234 17.37 10.42 2.43
C ASN A 234 17.30 10.19 3.93
N HIS A 235 18.27 10.69 4.67
CA HIS A 235 18.23 10.64 6.13
C HIS A 235 17.60 11.92 6.67
N ILE A 236 16.49 11.74 7.37
CA ILE A 236 15.73 12.84 7.96
C ILE A 236 15.98 12.95 9.46
N GLU A 237 16.22 14.17 9.91
CA GLU A 237 16.20 14.48 11.32
C GLU A 237 15.18 15.60 11.56
N TRP A 238 14.22 15.37 12.44
CA TRP A 238 13.20 16.38 12.71
C TRP A 238 12.66 16.27 14.10
N GLU A 239 12.83 17.33 14.90
CA GLU A 239 12.21 17.40 16.23
C GLU A 239 12.35 16.11 17.04
N LYS A 240 13.59 15.62 17.14
CA LYS A 240 14.00 14.44 17.93
C LYS A 240 13.89 13.14 17.15
N TRP A 241 13.07 13.10 16.12
CA TRP A 241 12.98 11.94 15.25
C TRP A 241 14.16 11.81 14.30
N SER A 242 14.46 10.56 13.98
CA SER A 242 15.50 10.18 13.05
C SER A 242 14.94 9.03 12.21
N LEU A 243 15.06 9.10 10.89
CA LEU A 243 14.68 7.99 10.02
C LEU A 243 15.35 8.10 8.65
N ASP A 244 15.25 7.03 7.88
CA ASP A 244 15.70 6.99 6.49
C ASP A 244 14.49 6.72 5.61
N VAL A 245 14.32 7.53 4.58
CA VAL A 245 13.18 7.39 3.67
C VAL A 245 13.63 6.59 2.46
N GLY A 246 13.17 5.35 2.39
CA GLY A 246 13.41 4.47 1.28
C GLY A 246 12.28 4.47 0.26
N PHE A 247 12.57 3.87 -0.88
CA PHE A 247 11.61 3.73 -1.95
C PHE A 247 11.88 2.45 -2.73
N ASP A 248 10.78 1.72 -2.93
CA ASP A 248 10.81 0.46 -3.62
C ASP A 248 9.70 0.48 -4.65
N VAL A 249 9.97 -0.10 -5.80
CA VAL A 249 9.02 -0.06 -6.90
C VAL A 249 7.71 -0.83 -6.56
N ARG A 250 7.79 -1.84 -5.72
CA ARG A 250 6.60 -2.56 -5.28
C ARG A 250 5.85 -1.83 -4.17
N GLU A 251 6.54 -1.57 -3.06
CA GLU A 251 5.90 -1.03 -1.86
C GLU A 251 5.70 0.45 -1.87
N GLY A 252 6.46 1.16 -2.69
CA GLY A 252 6.47 2.61 -2.65
C GLY A 252 7.36 3.12 -1.55
N VAL A 253 6.93 4.16 -0.85
CA VAL A 253 7.74 4.72 0.25
C VAL A 253 7.83 3.74 1.41
N VAL A 254 9.05 3.52 1.85
CA VAL A 254 9.34 2.60 2.97
C VAL A 254 10.18 3.36 4.00
N LEU A 255 9.76 3.35 5.26
CA LEU A 255 10.53 4.04 6.31
C LEU A 255 11.45 3.05 7.02
N HIS A 256 12.70 3.46 7.23
CA HIS A 256 13.67 2.64 7.93
C HIS A 256 14.21 3.34 9.15
N ASN A 257 14.54 2.56 10.16
CA ASN A 257 15.24 3.07 11.34
C ASN A 257 14.52 4.24 12.02
N ILE A 258 13.21 4.12 12.23
CA ILE A 258 12.49 5.16 12.95
C ILE A 258 12.91 5.10 14.41
N ALA A 259 13.48 6.21 14.87
CA ALA A 259 14.04 6.32 16.21
C ALA A 259 13.76 7.73 16.75
N PHE A 260 13.84 7.86 18.06
CA PHE A 260 13.57 9.11 18.75
C PHE A 260 14.70 9.41 19.73
N ARG A 261 15.22 10.64 19.69
CA ARG A 261 16.35 11.04 20.53
C ARG A 261 15.80 11.52 21.85
N ASP A 262 15.95 10.71 22.88
CA ASP A 262 15.40 11.00 24.18
C ASP A 262 16.59 11.33 25.06
N GLY A 263 16.76 12.61 25.34
CA GLY A 263 17.95 13.08 26.03
C GLY A 263 19.13 12.88 25.10
N ASP A 264 20.12 12.10 25.53
CA ASP A 264 21.30 11.86 24.70
C ASP A 264 21.22 10.55 23.91
N ARG A 265 20.18 9.75 24.16
CA ARG A 265 20.09 8.37 23.63
C ARG A 265 19.14 8.29 22.45
N LEU A 266 19.60 7.68 21.36
CA LEU A 266 18.79 7.45 20.18
C LEU A 266 18.08 6.12 20.38
N ARG A 267 16.78 6.19 20.60
CA ARG A 267 15.96 5.05 20.96
C ARG A 267 15.20 4.55 19.74
N PRO A 268 15.51 3.36 19.24
CA PRO A 268 14.76 2.80 18.13
C PRO A 268 13.29 2.55 18.52
N ILE A 269 12.40 2.67 17.54
CA ILE A 269 11.00 2.36 17.70
C ILE A 269 10.54 1.32 16.65
N ILE A 270 10.68 1.66 15.38
CA ILE A 270 10.37 0.77 14.27
C ILE A 270 11.55 0.67 13.31
N ASN A 271 11.96 -0.56 13.04
CA ASN A 271 13.05 -0.84 12.14
C ASN A 271 12.68 -0.66 10.67
N ARG A 272 11.47 -1.07 10.30
CA ARG A 272 10.97 -0.93 8.94
C ARG A 272 9.46 -0.88 8.91
N ALA A 273 8.93 0.12 8.22
CA ALA A 273 7.48 0.31 8.09
C ALA A 273 7.15 0.45 6.62
N SER A 274 6.19 -0.34 6.16
CA SER A 274 5.78 -0.28 4.79
C SER A 274 4.33 -0.72 4.65
N ILE A 275 3.74 -0.39 3.51
CA ILE A 275 2.50 -0.98 3.08
C ILE A 275 2.91 -2.14 2.18
N ALA A 276 2.80 -3.36 2.69
CA ALA A 276 3.41 -4.51 2.05
C ALA A 276 2.48 -5.18 1.09
N GLU A 277 1.20 -4.85 1.15
CA GLU A 277 0.21 -5.26 0.17
C GLU A 277 -1.02 -4.34 0.21
N MET A 278 -1.72 -4.26 -0.90
CA MET A 278 -3.04 -3.67 -0.93
C MET A 278 -3.90 -4.35 -1.99
N VAL A 279 -5.11 -4.72 -1.61
CA VAL A 279 -6.01 -5.43 -2.50
C VAL A 279 -7.37 -4.76 -2.58
N VAL A 280 -7.95 -4.80 -3.77
CA VAL A 280 -9.25 -4.20 -4.03
C VAL A 280 -10.17 -5.32 -4.55
N PRO A 281 -10.79 -6.03 -3.64
CA PRO A 281 -11.76 -7.08 -4.02
C PRO A 281 -13.13 -6.54 -4.37
N TYR A 282 -13.73 -7.05 -5.45
CA TYR A 282 -15.05 -6.59 -5.90
C TYR A 282 -16.15 -7.56 -5.49
N GLY A 283 -17.30 -6.99 -5.12
CA GLY A 283 -18.39 -7.73 -4.53
C GLY A 283 -19.61 -7.95 -5.41
N ASP A 284 -19.43 -7.82 -6.74
CA ASP A 284 -20.49 -8.02 -7.73
C ASP A 284 -20.36 -9.46 -8.25
N PRO A 285 -21.37 -10.27 -8.01
CA PRO A 285 -21.35 -11.66 -8.50
C PRO A 285 -21.54 -11.87 -10.02
N SER A 286 -21.72 -10.82 -10.83
CA SER A 286 -21.77 -11.00 -12.27
C SER A 286 -20.48 -11.65 -12.73
N PRO A 287 -20.55 -12.61 -13.65
CA PRO A 287 -19.33 -13.24 -14.21
C PRO A 287 -18.43 -12.26 -14.99
N ILE A 288 -18.99 -11.12 -15.37
CA ILE A 288 -18.19 -10.10 -16.02
C ILE A 288 -17.13 -9.51 -15.07
N ARG A 289 -17.43 -9.45 -13.77
CA ARG A 289 -16.52 -8.86 -12.79
C ARG A 289 -16.24 -9.74 -11.55
N SER A 290 -16.81 -10.95 -11.46
CA SER A 290 -16.68 -11.68 -10.18
C SER A 290 -15.25 -12.17 -9.88
N TRP A 291 -14.40 -12.16 -10.89
CA TRP A 291 -12.97 -12.48 -10.78
C TRP A 291 -12.08 -11.30 -10.39
N GLN A 292 -12.63 -10.07 -10.34
CA GLN A 292 -11.83 -8.83 -10.16
C GLN A 292 -11.34 -8.70 -8.72
N ASN A 293 -10.01 -8.77 -8.54
CA ASN A 293 -9.35 -8.41 -7.30
C ASN A 293 -7.99 -7.83 -7.66
N TYR A 294 -7.80 -6.54 -7.43
CA TYR A 294 -6.56 -5.90 -7.83
C TYR A 294 -5.63 -5.80 -6.65
N PHE A 295 -4.52 -6.54 -6.71
CA PHE A 295 -3.43 -6.34 -5.75
C PHE A 295 -2.50 -5.25 -6.31
N ASP A 296 -2.81 -4.00 -6.00
CA ASP A 296 -2.09 -2.89 -6.62
C ASP A 296 -0.59 -2.96 -6.31
N THR A 297 -0.26 -3.35 -5.08
CA THR A 297 1.13 -3.47 -4.64
C THR A 297 1.79 -4.71 -5.24
N GLY A 298 1.21 -5.88 -5.01
CA GLY A 298 1.80 -7.15 -5.40
C GLY A 298 1.81 -7.52 -6.87
N GLU A 299 0.73 -7.18 -7.58
CA GLU A 299 0.59 -7.46 -9.01
C GLU A 299 1.09 -6.32 -9.91
N TYR A 300 0.79 -5.09 -9.53
CA TYR A 300 1.06 -3.93 -10.40
C TYR A 300 2.31 -3.14 -10.03
N LEU A 301 2.68 -3.15 -8.75
CA LEU A 301 3.81 -2.41 -8.21
C LEU A 301 3.51 -0.91 -8.15
N VAL A 302 2.99 -0.47 -7.00
CA VAL A 302 2.48 0.89 -6.86
C VAL A 302 3.58 1.94 -6.95
N GLY A 303 4.78 1.58 -6.52
CA GLY A 303 5.90 2.48 -6.62
C GLY A 303 6.17 2.90 -8.04
N GLN A 304 6.03 1.99 -8.99
CA GLN A 304 6.41 2.32 -10.35
C GLN A 304 5.48 3.35 -11.02
N TYR A 305 4.26 3.52 -10.50
CA TYR A 305 3.27 4.47 -11.04
C TYR A 305 3.12 5.73 -10.19
N ALA A 306 4.10 5.97 -9.31
CA ALA A 306 4.13 7.16 -8.48
C ALA A 306 4.08 8.38 -9.37
N ASN A 307 3.23 9.32 -9.00
CA ASN A 307 3.10 10.57 -9.72
C ASN A 307 4.29 11.49 -9.47
N SER A 308 4.63 12.31 -10.45
CA SER A 308 5.42 13.52 -10.22
C SER A 308 4.50 14.58 -9.63
N LEU A 309 4.80 15.00 -8.39
CA LEU A 309 3.96 15.90 -7.61
C LEU A 309 4.37 17.35 -7.83
N GLU A 310 3.41 18.17 -8.24
CA GLU A 310 3.63 19.58 -8.60
C GLU A 310 3.51 20.48 -7.38
N LEU A 311 4.38 21.49 -7.32
CA LEU A 311 4.47 22.37 -6.16
C LEU A 311 3.26 23.31 -6.04
N GLY A 312 2.82 23.52 -4.80
CA GLY A 312 1.70 24.38 -4.48
C GLY A 312 0.38 23.79 -4.90
N CYS A 313 0.41 22.51 -5.25
CA CYS A 313 -0.69 21.87 -5.92
C CYS A 313 -0.97 20.50 -5.28
N ASP A 314 -0.11 19.52 -5.50
CA ASP A 314 -0.20 18.26 -4.81
C ASP A 314 0.34 18.36 -3.39
N CYS A 315 1.34 19.20 -3.20
CA CYS A 315 1.97 19.38 -1.91
C CYS A 315 2.16 20.87 -1.68
N LEU A 316 1.59 21.38 -0.59
CA LEU A 316 1.51 22.79 -0.30
C LEU A 316 2.39 23.14 0.91
N GLY A 317 3.08 24.27 0.82
CA GLY A 317 3.97 24.73 1.87
C GLY A 317 5.41 24.71 1.38
N ASP A 318 6.34 24.61 2.33
CA ASP A 318 7.75 24.55 2.00
C ASP A 318 8.13 23.09 1.88
N ILE A 319 8.22 22.62 0.65
CA ILE A 319 8.32 21.18 0.35
C ILE A 319 9.76 20.83 -0.04
N THR A 320 10.23 19.71 0.50
CA THR A 320 11.47 19.09 0.05
C THR A 320 11.10 17.79 -0.65
N TYR A 321 11.56 17.63 -1.88
CA TYR A 321 11.26 16.46 -2.69
C TYR A 321 12.43 15.49 -2.75
N LEU A 322 12.10 14.22 -2.84
CA LEU A 322 13.00 13.18 -3.30
C LEU A 322 12.50 12.69 -4.65
N SER A 323 13.45 12.36 -5.52
CA SER A 323 13.20 11.85 -6.86
C SER A 323 13.83 10.48 -6.96
N PRO A 324 13.08 9.45 -6.56
CA PRO A 324 13.62 8.10 -6.54
C PRO A 324 13.84 7.58 -7.94
N VAL A 325 14.79 6.68 -8.08
CA VAL A 325 15.17 6.12 -9.38
C VAL A 325 14.74 4.67 -9.38
N ILE A 326 14.12 4.25 -10.48
CA ILE A 326 13.76 2.86 -10.69
C ILE A 326 14.29 2.34 -12.03
N SER A 327 14.16 1.03 -12.23
CA SER A 327 14.55 0.42 -13.50
C SER A 327 13.39 0.38 -14.47
N ASP A 328 13.65 0.71 -15.73
CA ASP A 328 12.68 0.39 -16.79
C ASP A 328 12.80 -1.09 -17.15
N ALA A 329 12.06 -1.52 -18.17
CA ALA A 329 11.99 -2.95 -18.52
C ALA A 329 13.33 -3.53 -19.01
N PHE A 330 14.27 -2.67 -19.43
CA PHE A 330 15.54 -3.12 -19.98
C PHE A 330 16.71 -2.97 -19.02
N GLY A 331 16.43 -2.45 -17.83
CA GLY A 331 17.45 -2.23 -16.83
C GLY A 331 18.07 -0.84 -16.85
N ASN A 332 17.52 0.09 -17.65
CA ASN A 332 17.97 1.49 -17.64
C ASN A 332 17.30 2.25 -16.50
N PRO A 333 18.04 3.13 -15.82
CA PRO A 333 17.44 3.94 -14.76
C PRO A 333 16.45 4.98 -15.31
N ARG A 334 15.42 5.19 -14.51
CA ARG A 334 14.33 6.11 -14.79
C ARG A 334 14.05 6.86 -13.49
N GLU A 335 14.09 8.17 -13.55
CA GLU A 335 13.83 8.99 -12.39
C GLU A 335 12.34 9.29 -12.29
N ILE A 336 11.78 9.22 -11.10
CA ILE A 336 10.43 9.72 -10.83
C ILE A 336 10.64 11.06 -10.18
N ARG A 337 10.64 12.10 -11.01
CA ARG A 337 10.91 13.45 -10.57
C ARG A 337 9.85 13.89 -9.58
N ASN A 338 10.30 14.37 -8.43
CA ASN A 338 9.42 14.89 -7.38
C ASN A 338 8.35 13.86 -6.97
N GLY A 339 8.76 12.61 -6.86
CA GLY A 339 7.87 11.51 -6.53
C GLY A 339 7.57 11.38 -5.05
N ILE A 340 8.41 11.96 -4.18
CA ILE A 340 8.17 11.94 -2.72
C ILE A 340 8.18 13.35 -2.16
N CYS A 341 7.10 13.73 -1.47
CA CYS A 341 7.02 15.02 -0.77
C CYS A 341 7.37 14.86 0.67
N MET A 342 8.12 15.83 1.20
CA MET A 342 8.43 15.88 2.61
C MET A 342 8.25 17.31 3.07
N HIS A 343 7.42 17.51 4.09
CA HIS A 343 7.25 18.83 4.71
C HIS A 343 6.74 18.68 6.11
N GLU A 344 6.87 19.76 6.86
CA GLU A 344 6.28 19.82 8.21
C GLU A 344 5.07 20.71 8.17
N GLU A 345 4.09 20.42 9.01
CA GLU A 345 2.94 21.29 9.11
C GLU A 345 2.42 21.43 10.53
N ASP A 346 1.82 22.57 10.77
CA ASP A 346 1.18 22.86 12.03
C ASP A 346 0.05 21.87 12.23
N TRP A 347 -0.14 21.41 13.46
CA TRP A 347 -1.20 20.45 13.78
C TRP A 347 -1.97 20.89 15.03
N GLY A 348 -2.30 22.18 15.08
CA GLY A 348 -3.20 22.68 16.11
C GLY A 348 -2.56 22.68 17.49
N ILE A 349 -3.38 22.53 18.52
CA ILE A 349 -2.93 22.60 19.91
C ILE A 349 -2.31 21.28 20.29
N LEU A 350 -1.14 21.34 20.90
CA LEU A 350 -0.46 20.15 21.44
C LEU A 350 -0.87 19.88 22.87
N ALA A 351 -0.94 20.94 23.66
CA ALA A 351 -1.21 20.87 25.08
C ALA A 351 -1.64 22.21 25.60
N LYS A 352 -2.57 22.20 26.54
CA LYS A 352 -3.14 23.45 27.02
C LYS A 352 -3.73 23.26 28.40
N HIS A 353 -3.38 24.18 29.30
CA HIS A 353 -4.02 24.26 30.60
C HIS A 353 -3.99 25.66 31.17
N SER A 354 -5.13 26.10 31.68
CA SER A 354 -5.27 27.38 32.38
C SER A 354 -5.61 27.06 33.81
N ASP A 355 -4.65 27.20 34.72
CA ASP A 355 -4.84 26.70 36.08
C ASP A 355 -5.32 27.79 37.01
N LEU A 356 -6.44 27.55 37.68
CA LEU A 356 -7.00 28.50 38.64
C LEU A 356 -6.03 28.77 39.80
N TRP A 357 -5.53 27.70 40.42
CA TRP A 357 -4.73 27.87 41.62
C TRP A 357 -3.36 28.50 41.40
N SER A 358 -2.67 28.13 40.32
CA SER A 358 -1.34 28.66 40.06
C SER A 358 -1.37 30.02 39.34
N GLY A 359 -2.48 30.30 38.67
CA GLY A 359 -2.57 31.46 37.78
C GLY A 359 -1.85 31.30 36.45
N ILE A 360 -1.29 30.12 36.19
CA ILE A 360 -0.49 29.91 34.98
C ILE A 360 -1.36 29.43 33.83
N ASN A 361 -1.30 30.16 32.73
CA ASN A 361 -1.90 29.77 31.45
C ASN A 361 -0.82 29.35 30.49
N TYR A 362 -1.03 28.19 29.90
CA TYR A 362 -0.02 27.52 29.11
C TYR A 362 -0.67 26.95 27.89
N THR A 363 -0.08 27.25 26.74
CA THR A 363 -0.53 26.72 25.46
C THR A 363 0.68 26.40 24.60
N ARG A 364 0.68 25.23 23.97
CA ARG A 364 1.74 24.86 23.02
C ARG A 364 1.13 24.27 21.76
N ARG A 365 1.77 24.47 20.61
CA ARG A 365 1.25 24.04 19.30
C ARG A 365 1.91 22.76 18.90
N ASN A 366 1.15 21.90 18.25
CA ASN A 366 1.64 20.65 17.71
C ASN A 366 2.14 20.84 16.28
N ARG A 367 2.94 19.89 15.80
CA ARG A 367 3.34 19.82 14.41
C ARG A 367 3.53 18.39 14.03
N ARG A 368 3.47 18.11 12.73
CA ARG A 368 3.83 16.79 12.23
C ARG A 368 4.71 16.88 10.98
N MET A 369 5.64 15.94 10.87
CA MET A 369 6.39 15.68 9.67
C MET A 369 5.57 14.77 8.79
N VAL A 370 5.45 15.16 7.52
CA VAL A 370 4.72 14.41 6.54
C VAL A 370 5.67 13.86 5.47
N ILE A 371 5.58 12.55 5.23
CA ILE A 371 6.27 11.91 4.11
C ILE A 371 5.26 11.17 3.25
N SER A 372 5.12 11.57 1.98
CA SER A 372 4.08 11.02 1.11
C SER A 372 4.46 10.85 -0.34
N PHE A 373 3.66 10.03 -0.99
CA PHE A 373 3.65 9.88 -2.43
C PHE A 373 2.22 9.57 -2.88
N PHE A 374 1.98 9.73 -4.18
CA PHE A 374 0.67 9.45 -4.77
C PHE A 374 0.89 8.58 -5.98
N THR A 375 0.05 7.58 -6.17
CA THR A 375 0.21 6.67 -7.28
C THR A 375 -1.09 6.53 -8.01
N THR A 376 -1.03 6.10 -9.25
CA THR A 376 -2.20 5.95 -10.10
C THR A 376 -2.17 4.57 -10.70
N ILE A 377 -3.23 3.81 -10.50
CA ILE A 377 -3.33 2.47 -11.04
C ILE A 377 -4.68 2.42 -11.79
N GLY A 378 -4.64 2.64 -13.10
CA GLY A 378 -5.82 2.73 -13.94
C GLY A 378 -6.78 3.85 -13.58
N ASN A 379 -7.95 3.48 -13.06
CA ASN A 379 -8.92 4.45 -12.57
C ASN A 379 -8.65 4.98 -11.16
N TPQ A 380 -7.89 4.25 -10.36
CA TPQ A 380 -7.64 4.57 -8.94
CB TPQ A 380 -7.23 3.40 -8.06
C TPQ A 380 -6.44 5.48 -8.78
O TPQ A 380 -5.47 5.34 -9.52
C1 TPQ A 380 -8.07 2.16 -8.23
C2 TPQ A 380 -9.47 2.12 -7.74
O2 TPQ A 380 -9.97 3.13 -7.19
C3 TPQ A 380 -10.27 0.89 -7.93
C4 TPQ A 380 -9.70 -0.24 -8.54
O4 TPQ A 380 -10.38 -1.28 -8.69
C5 TPQ A 380 -8.28 -0.19 -9.00
O5 TPQ A 380 -7.73 -1.18 -9.54
C6 TPQ A 380 -7.49 1.04 -8.83
H TPQ A 380 -7.45 3.41 -10.70
HA TPQ A 380 -8.52 5.05 -8.50
HB2 TPQ A 380 -6.19 3.13 -8.26
HB3 TPQ A 380 -7.28 3.71 -7.02
H3 TPQ A 380 -11.30 0.85 -7.58
H6 TPQ A 380 -6.47 1.07 -9.17
N ASP A 381 -6.50 6.38 -7.82
CA ASP A 381 -5.32 7.14 -7.40
C ASP A 381 -5.30 7.11 -5.88
N TYR A 382 -4.15 6.76 -5.31
CA TYR A 382 -4.01 6.65 -3.86
C TYR A 382 -2.83 7.50 -3.41
N GLY A 383 -3.04 8.27 -2.34
CA GLY A 383 -1.98 8.94 -1.59
C GLY A 383 -1.61 8.10 -0.38
N PHE A 384 -0.31 7.89 -0.18
CA PHE A 384 0.20 7.20 1.00
C PHE A 384 0.94 8.24 1.86
N TYR A 385 0.46 8.46 3.08
CA TYR A 385 0.99 9.46 4.00
C TYR A 385 1.48 8.84 5.29
N TRP A 386 2.75 9.08 5.63
CA TRP A 386 3.29 8.81 6.95
C TRP A 386 3.49 10.10 7.71
N TYR A 387 3.11 10.08 8.99
CA TYR A 387 3.14 11.24 9.88
C TYR A 387 3.93 10.91 11.15
N LEU A 388 4.82 11.81 11.54
CA LEU A 388 5.51 11.73 12.82
C LEU A 388 5.12 13.00 13.59
N TYR A 389 4.69 12.83 14.84
CA TYR A 389 4.21 13.95 15.64
C TYR A 389 5.19 14.28 16.75
N LEU A 390 5.12 15.52 17.24
CA LEU A 390 6.01 15.95 18.32
C LEU A 390 5.95 15.04 19.52
N ASP A 391 4.77 14.49 19.79
CA ASP A 391 4.58 13.77 21.02
C ASP A 391 4.95 12.30 20.94
N GLY A 392 5.52 11.88 19.81
CA GLY A 392 6.01 10.52 19.63
C GLY A 392 5.02 9.61 18.90
N THR A 393 3.85 10.13 18.58
CA THR A 393 2.89 9.40 17.73
C THR A 393 3.38 9.23 16.30
N ILE A 394 3.15 8.04 15.78
CA ILE A 394 3.43 7.67 14.41
C ILE A 394 2.09 7.28 13.77
N GLU A 395 1.81 7.78 12.59
CA GLU A 395 0.54 7.49 11.92
C GLU A 395 0.74 7.25 10.43
N PHE A 396 -0.09 6.39 9.89
CA PHE A 396 -0.27 6.21 8.47
C PHE A 396 -1.71 6.56 8.08
N GLU A 397 -1.82 7.18 6.91
CA GLU A 397 -3.09 7.46 6.28
C GLU A 397 -2.97 7.23 4.77
N ALA A 398 -3.98 6.50 4.27
CA ALA A 398 -4.19 6.32 2.84
C ALA A 398 -5.35 7.21 2.40
N LYS A 399 -5.15 7.98 1.32
CA LYS A 399 -6.19 8.80 0.72
C LYS A 399 -6.60 8.19 -0.63
N ALA A 400 -7.85 7.75 -0.72
CA ALA A 400 -8.37 7.10 -1.93
C ALA A 400 -9.20 8.08 -2.75
N THR A 401 -8.87 8.19 -4.01
CA THR A 401 -9.57 9.08 -4.95
C THR A 401 -9.44 8.44 -6.35
N GLY A 402 -9.58 9.23 -7.41
CA GLY A 402 -9.63 8.73 -8.77
C GLY A 402 -11.08 8.69 -9.25
N VAL A 403 -11.33 7.77 -10.18
CA VAL A 403 -12.62 7.61 -10.81
C VAL A 403 -13.10 6.22 -10.41
N VAL A 404 -14.36 6.08 -10.01
CA VAL A 404 -14.82 4.77 -9.54
C VAL A 404 -14.90 3.80 -10.72
N PHE A 405 -14.64 2.52 -10.46
CA PHE A 405 -14.71 1.51 -11.50
C PHE A 405 -16.19 1.26 -11.77
N THR A 406 -16.59 1.35 -13.02
CA THR A 406 -18.02 1.31 -13.37
C THR A 406 -18.48 0.05 -14.08
N SER A 407 -19.80 -0.06 -14.17
CA SER A 407 -20.51 -1.15 -14.84
C SER A 407 -21.83 -0.57 -15.33
N ALA A 408 -22.67 -1.39 -15.96
CA ALA A 408 -24.02 -0.96 -16.20
C ALA A 408 -24.78 -1.03 -14.83
N PHE A 409 -25.82 -0.23 -14.66
CA PHE A 409 -26.72 -0.41 -13.53
C PHE A 409 -27.89 -1.23 -14.04
N PRO A 410 -28.13 -2.42 -13.48
CA PRO A 410 -29.19 -3.29 -14.02
C PRO A 410 -30.58 -2.68 -13.87
N GLU A 411 -31.43 -2.93 -14.86
CA GLU A 411 -32.83 -2.60 -14.77
C GLU A 411 -33.39 -3.38 -13.59
N GLY A 412 -34.13 -2.71 -12.72
CA GLY A 412 -34.65 -3.39 -11.54
C GLY A 412 -33.71 -3.41 -10.35
N GLY A 413 -32.56 -2.75 -10.47
CA GLY A 413 -31.65 -2.55 -9.37
C GLY A 413 -30.70 -3.71 -9.11
N SER A 414 -29.98 -3.57 -8.00
CA SER A 414 -28.93 -4.51 -7.63
C SER A 414 -28.62 -4.47 -6.14
N ASP A 415 -28.37 -5.65 -5.57
CA ASP A 415 -27.88 -5.77 -4.21
C ASP A 415 -26.37 -5.58 -4.14
N ASN A 416 -25.67 -5.45 -5.27
CA ASN A 416 -24.19 -5.46 -5.25
C ASN A 416 -23.54 -4.32 -6.04
N ILE A 417 -24.36 -3.38 -6.49
CA ILE A 417 -23.94 -2.31 -7.40
C ILE A 417 -24.78 -1.10 -7.04
N SER A 418 -24.19 0.09 -6.99
CA SER A 418 -25.03 1.26 -6.81
C SER A 418 -25.11 2.08 -8.10
N GLN A 419 -26.15 2.89 -8.19
CA GLN A 419 -26.36 3.76 -9.34
C GLN A 419 -25.70 5.12 -9.14
N LEU A 420 -24.95 5.56 -10.14
CA LEU A 420 -24.22 6.83 -10.14
C LEU A 420 -24.81 7.91 -11.04
N ALA A 421 -25.36 7.46 -12.15
CA ALA A 421 -25.95 8.30 -13.18
C ALA A 421 -26.90 7.39 -13.93
N PRO A 422 -27.71 7.90 -14.84
CA PRO A 422 -28.67 7.04 -15.56
C PRO A 422 -28.03 5.88 -16.32
N GLY A 423 -28.38 4.66 -15.94
CA GLY A 423 -27.79 3.45 -16.50
C GLY A 423 -26.37 3.12 -16.05
N LEU A 424 -25.77 3.97 -15.23
CA LEU A 424 -24.38 3.81 -14.81
C LEU A 424 -24.29 3.24 -13.40
N GLY A 425 -23.56 2.13 -13.26
CA GLY A 425 -23.38 1.47 -11.97
C GLY A 425 -21.97 1.53 -11.44
N ALA A 426 -21.82 1.26 -10.13
CA ALA A 426 -20.55 1.13 -9.47
C ALA A 426 -20.61 -0.09 -8.56
N PRO A 427 -19.95 -1.16 -8.95
CA PRO A 427 -19.89 -2.37 -8.14
C PRO A 427 -19.27 -2.12 -6.77
N PHE A 428 -19.88 -2.72 -5.74
CA PHE A 428 -19.34 -2.63 -4.40
C PHE A 428 -17.96 -3.28 -4.35
N HIS A 429 -17.12 -2.78 -3.46
CA HIS A 429 -15.75 -3.28 -3.36
C HIS A 429 -15.12 -2.78 -2.05
N GLN A 430 -13.96 -3.32 -1.73
CA GLN A 430 -13.15 -2.87 -0.61
C GLN A 430 -11.77 -2.48 -1.10
N HIS A 431 -11.08 -1.65 -0.32
CA HIS A 431 -9.65 -1.35 -0.53
C HIS A 431 -8.98 -1.73 0.78
N ILE A 432 -8.15 -2.76 0.79
CA ILE A 432 -7.62 -3.27 2.04
C ILE A 432 -6.11 -3.33 1.98
N PHE A 433 -5.51 -2.71 2.98
CA PHE A 433 -4.09 -2.54 3.07
C PHE A 433 -3.53 -3.48 4.15
N SER A 434 -2.27 -3.86 3.99
CA SER A 434 -1.47 -4.50 5.01
C SER A 434 -0.24 -3.67 5.30
N ALA A 435 -0.14 -3.15 6.51
CA ALA A 435 1.06 -2.47 6.95
C ALA A 435 1.96 -3.48 7.64
N ARG A 436 3.21 -3.59 7.16
CA ARG A 436 4.21 -4.43 7.77
C ARG A 436 5.14 -3.58 8.61
N LEU A 437 5.09 -3.80 9.93
CA LEU A 437 5.82 -3.03 10.93
C LEU A 437 6.80 -3.97 11.60
N ASP A 438 8.01 -3.95 11.08
CA ASP A 438 9.15 -4.62 11.70
C ASP A 438 9.57 -3.80 12.92
N MET A 439 9.10 -4.27 14.08
CA MET A 439 9.20 -3.51 15.31
C MET A 439 10.61 -3.53 15.88
N ALA A 440 10.97 -2.44 16.55
CA ALA A 440 12.22 -2.39 17.31
C ALA A 440 12.07 -1.46 18.50
N ILE A 441 11.11 -1.75 19.36
CA ILE A 441 10.85 -0.91 20.53
C ILE A 441 12.08 -0.95 21.47
N ASP A 442 12.85 0.15 21.48
CA ASP A 442 14.10 0.21 22.25
C ASP A 442 15.06 -0.95 21.89
N GLY A 443 15.06 -1.35 20.62
CA GLY A 443 15.80 -2.52 20.18
C GLY A 443 14.87 -3.64 19.77
N PHE A 444 15.47 -4.79 19.46
CA PHE A 444 14.76 -5.87 18.77
C PHE A 444 13.99 -6.86 19.66
N THR A 445 14.31 -6.91 20.95
CA THR A 445 13.67 -7.85 21.87
C THR A 445 12.30 -7.30 22.23
N ASN A 446 11.28 -7.74 21.49
CA ASN A 446 9.94 -7.19 21.64
C ASN A 446 8.90 -8.28 21.87
N ARG A 447 7.73 -7.87 22.33
CA ARG A 447 6.57 -8.76 22.44
C ARG A 447 5.31 -7.91 22.26
N VAL A 448 4.20 -8.59 21.97
CA VAL A 448 2.91 -7.95 21.75
C VAL A 448 1.90 -8.50 22.73
N GLU A 449 1.12 -7.59 23.31
CA GLU A 449 0.00 -7.92 24.14
C GLU A 449 -1.24 -7.35 23.51
N GLU A 450 -2.33 -8.10 23.64
CA GLU A 450 -3.64 -7.61 23.26
C GLU A 450 -4.29 -7.02 24.51
N GLU A 451 -4.72 -5.76 24.44
CA GLU A 451 -5.32 -5.08 25.59
C GLU A 451 -6.80 -4.83 25.35
N ASP A 452 -7.64 -5.35 26.23
CA ASP A 452 -9.08 -5.13 26.23
C ASP A 452 -9.48 -4.38 27.48
N VAL A 453 -10.51 -3.55 27.37
CA VAL A 453 -11.21 -2.98 28.51
C VAL A 453 -11.96 -4.15 29.18
N VAL A 454 -12.01 -4.10 30.51
CA VAL A 454 -12.71 -5.11 31.34
C VAL A 454 -13.78 -4.41 32.17
N ARG A 455 -15.03 -4.74 31.91
CA ARG A 455 -16.13 -4.27 32.74
C ARG A 455 -16.23 -5.10 34.02
N GLN A 456 -16.68 -4.46 35.09
CA GLN A 456 -16.75 -5.07 36.42
C GLN A 456 -18.17 -4.98 36.94
N THR A 457 -18.56 -6.03 37.65
CA THR A 457 -19.89 -6.14 38.23
C THR A 457 -19.98 -5.46 39.59
N MET A 458 -21.11 -4.81 39.84
CA MET A 458 -21.38 -4.14 41.10
C MET A 458 -21.48 -5.25 42.12
N GLY A 459 -20.88 -5.03 43.28
CA GLY A 459 -20.77 -6.06 44.30
C GLY A 459 -19.63 -5.73 45.23
N PRO A 460 -19.26 -6.68 46.08
CA PRO A 460 -18.13 -6.49 47.01
C PRO A 460 -16.84 -6.03 46.32
N GLY A 461 -16.24 -4.96 46.85
CA GLY A 461 -15.08 -4.33 46.24
C GLY A 461 -15.47 -3.26 45.21
N ASN A 462 -16.76 -3.17 44.87
CA ASN A 462 -17.24 -2.27 43.80
C ASN A 462 -18.70 -1.93 44.07
N GLU A 463 -18.96 -1.39 45.25
CA GLU A 463 -20.33 -1.32 45.76
C GLU A 463 -21.18 -0.29 45.01
N ARG A 464 -20.53 0.74 44.45
CA ARG A 464 -21.20 1.72 43.60
C ARG A 464 -21.27 1.35 42.10
N GLY A 465 -20.66 0.23 41.70
CA GLY A 465 -20.75 -0.27 40.34
C GLY A 465 -20.12 0.68 39.31
N ASN A 466 -19.05 1.33 39.73
CA ASN A 466 -18.36 2.28 38.87
C ASN A 466 -17.03 1.80 38.31
N ALA A 467 -16.46 0.78 38.92
CA ALA A 467 -15.14 0.31 38.54
C ALA A 467 -15.08 -0.25 37.13
N PHE A 468 -13.97 0.02 36.45
CA PHE A 468 -13.61 -0.69 35.22
C PHE A 468 -12.10 -0.77 35.15
N SER A 469 -11.63 -1.69 34.33
CA SER A 469 -10.24 -2.05 34.33
C SER A 469 -9.85 -2.42 32.90
N ARG A 470 -8.75 -3.12 32.77
CA ARG A 470 -8.30 -3.63 31.51
C ARG A 470 -7.49 -4.88 31.74
N LYS A 471 -7.30 -5.66 30.69
CA LYS A 471 -6.44 -6.83 30.76
C LYS A 471 -5.51 -6.86 29.56
N ARG A 472 -4.35 -7.45 29.75
CA ARG A 472 -3.38 -7.67 28.68
C ARG A 472 -3.05 -9.13 28.59
N THR A 473 -3.02 -9.64 27.35
CA THR A 473 -2.66 -11.02 27.07
C THR A 473 -1.45 -11.04 26.14
N VAL A 474 -0.36 -11.63 26.60
CA VAL A 474 0.85 -11.73 25.79
C VAL A 474 0.62 -12.78 24.73
N LEU A 475 0.97 -12.44 23.49
CA LEU A 475 0.93 -13.38 22.38
C LEU A 475 2.29 -14.06 22.37
N THR A 476 2.35 -15.33 22.75
CA THR A 476 3.65 -15.93 23.03
C THR A 476 4.26 -16.64 21.84
N ARG A 477 3.42 -17.14 20.95
CA ARG A 477 3.85 -17.88 19.78
C ARG A 477 2.98 -17.57 18.58
N GLU A 478 3.54 -17.75 17.39
CA GLU A 478 2.83 -17.30 16.19
C GLU A 478 1.43 -17.89 16.05
N SER A 479 1.21 -19.12 16.55
CA SER A 479 -0.10 -19.79 16.41
C SER A 479 -1.23 -19.07 17.19
N GLU A 480 -0.85 -18.31 18.21
CA GLU A 480 -1.76 -17.52 19.03
C GLU A 480 -1.78 -16.03 18.59
N ALA A 481 -1.11 -15.71 17.50
CA ALA A 481 -0.91 -14.29 17.16
C ALA A 481 -1.67 -13.83 15.93
N VAL A 482 -2.79 -14.47 15.62
CA VAL A 482 -3.68 -14.02 14.54
C VAL A 482 -4.95 -13.50 15.22
N ARG A 483 -5.10 -12.18 15.25
CA ARG A 483 -6.07 -11.52 16.10
C ARG A 483 -7.07 -10.71 15.31
N GLU A 484 -8.28 -10.61 15.87
CA GLU A 484 -9.32 -9.78 15.32
C GLU A 484 -9.62 -8.57 16.23
N ALA A 485 -10.21 -7.56 15.62
CA ALA A 485 -10.62 -6.34 16.29
C ALA A 485 -11.76 -6.61 17.25
N ASP A 486 -11.85 -5.79 18.29
CA ASP A 486 -13.07 -5.74 19.09
C ASP A 486 -13.30 -4.34 19.58
N ALA A 487 -13.98 -3.53 18.75
CA ALA A 487 -14.15 -2.12 19.04
C ALA A 487 -14.94 -1.89 20.33
N ARG A 488 -15.90 -2.75 20.62
CA ARG A 488 -16.77 -2.56 21.74
C ARG A 488 -16.01 -2.65 23.07
N THR A 489 -14.95 -3.47 23.10
CA THR A 489 -14.09 -3.63 24.28
C THR A 489 -12.83 -2.77 24.19
N GLY A 490 -12.79 -1.89 23.22
CA GLY A 490 -11.67 -0.99 23.08
C GLY A 490 -10.33 -1.68 22.83
N ARG A 491 -10.36 -2.78 22.09
CA ARG A 491 -9.15 -3.56 21.87
C ARG A 491 -8.05 -2.84 21.12
N THR A 492 -6.87 -2.84 21.72
CA THR A 492 -5.65 -2.40 21.07
C THR A 492 -4.56 -3.44 21.24
N TRP A 493 -3.39 -3.19 20.67
CA TRP A 493 -2.26 -4.09 20.81
C TRP A 493 -1.05 -3.27 21.18
N ILE A 494 -0.32 -3.71 22.20
CA ILE A 494 0.87 -2.99 22.70
C ILE A 494 2.11 -3.76 22.34
N ILE A 495 3.05 -3.09 21.68
CA ILE A 495 4.36 -3.70 21.45
C ILE A 495 5.31 -3.14 22.49
N SER A 496 5.90 -4.02 23.31
CA SER A 496 6.83 -3.58 24.37
C SER A 496 8.16 -4.30 24.28
N ASN A 497 9.11 -3.80 25.03
CA ASN A 497 10.40 -4.43 25.19
C ASN A 497 10.50 -4.89 26.64
N PRO A 498 10.37 -6.20 26.90
CA PRO A 498 10.37 -6.70 28.29
C PRO A 498 11.69 -6.49 29.05
N GLU A 499 12.78 -6.24 28.32
CA GLU A 499 14.10 -5.95 28.92
C GLU A 499 14.45 -4.47 29.07
N SER A 500 13.58 -3.57 28.63
CA SER A 500 13.84 -2.15 28.76
C SER A 500 12.71 -1.48 29.53
N LYS A 501 13.03 -0.98 30.72
CA LYS A 501 12.02 -0.49 31.63
C LYS A 501 12.14 1.03 31.78
N ASN A 502 10.99 1.69 31.93
CA ASN A 502 10.97 3.14 32.18
C ASN A 502 11.27 3.37 33.65
N ARG A 503 11.28 4.63 34.07
CA ARG A 503 11.67 4.95 35.44
C ARG A 503 10.68 4.45 36.49
N LEU A 504 9.49 4.06 36.07
CA LEU A 504 8.52 3.45 36.99
C LEU A 504 8.56 1.91 36.99
N ASN A 505 9.66 1.36 36.46
CA ASN A 505 9.90 -0.09 36.37
C ASN A 505 8.93 -0.89 35.52
N GLU A 506 8.32 -0.23 34.54
CA GLU A 506 7.40 -0.86 33.58
C GLU A 506 8.10 -0.98 32.22
N PRO A 507 7.90 -2.11 31.52
CA PRO A 507 8.39 -2.26 30.15
C PRO A 507 7.91 -1.11 29.26
N VAL A 508 8.81 -0.53 28.51
CA VAL A 508 8.48 0.53 27.56
C VAL A 508 7.67 -0.04 26.41
N GLY A 509 6.82 0.79 25.83
CA GLY A 509 6.00 0.28 24.75
C GLY A 509 5.33 1.33 23.93
N TYR A 510 4.67 0.85 22.88
CA TYR A 510 3.85 1.61 21.95
C TYR A 510 2.52 0.87 21.73
N LYS A 511 1.42 1.60 21.67
CA LYS A 511 0.06 1.02 21.51
C LYS A 511 -0.42 1.35 20.11
N LEU A 512 -0.86 0.32 19.42
CA LEU A 512 -1.40 0.42 18.09
C LEU A 512 -2.90 0.61 18.19
N HIS A 513 -3.39 1.69 17.63
CA HIS A 513 -4.82 2.02 17.62
C HIS A 513 -5.31 1.85 16.19
N ALA A 514 -6.19 0.89 16.00
CA ALA A 514 -6.79 0.62 14.72
C ALA A 514 -8.11 1.36 14.60
N HIS A 515 -8.60 1.48 13.36
CA HIS A 515 -9.87 2.09 13.10
C HIS A 515 -11.04 1.12 13.18
N ASN A 516 -10.76 -0.20 13.22
CA ASN A 516 -11.77 -1.24 13.38
C ASN A 516 -12.80 -1.26 12.26
N GLN A 517 -12.37 -0.93 11.03
CA GLN A 517 -13.20 -1.07 9.84
C GLN A 517 -13.36 -2.56 9.50
N PRO A 518 -14.40 -2.92 8.77
CA PRO A 518 -14.57 -4.34 8.38
C PRO A 518 -13.39 -4.90 7.62
N THR A 519 -13.10 -6.17 7.87
CA THR A 519 -12.05 -6.86 7.09
C THR A 519 -12.70 -7.52 5.87
N LEU A 520 -11.99 -8.46 5.24
CA LEU A 520 -12.40 -9.00 3.94
C LEU A 520 -13.76 -9.66 4.08
N LEU A 521 -14.69 -9.27 3.22
CA LEU A 521 -16.08 -9.74 3.34
C LEU A 521 -16.39 -11.08 2.63
N ALA A 522 -15.55 -11.45 1.68
CA ALA A 522 -15.77 -12.58 0.78
C ALA A 522 -15.96 -13.86 1.60
N ASP A 523 -16.68 -14.79 1.03
CA ASP A 523 -16.86 -16.09 1.71
C ASP A 523 -15.46 -16.68 2.01
N PRO A 524 -15.26 -17.27 3.19
CA PRO A 524 -13.96 -17.89 3.53
C PRO A 524 -13.49 -19.02 2.56
N GLY A 525 -14.38 -19.57 1.75
CA GLY A 525 -14.04 -20.60 0.76
C GLY A 525 -13.72 -20.05 -0.63
N SER A 526 -13.74 -18.72 -0.79
CA SER A 526 -13.44 -18.13 -2.08
C SER A 526 -11.96 -18.14 -2.43
N SER A 527 -11.68 -17.91 -3.71
CA SER A 527 -10.33 -17.77 -4.21
C SER A 527 -9.67 -16.57 -3.56
N ILE A 528 -10.37 -15.43 -3.50
CA ILE A 528 -9.80 -14.25 -2.86
C ILE A 528 -9.54 -14.40 -1.35
N ALA A 529 -10.37 -15.12 -0.63
CA ALA A 529 -10.08 -15.33 0.79
C ALA A 529 -8.77 -16.10 0.99
N ARG A 530 -8.43 -16.96 0.04
CA ARG A 530 -7.20 -17.73 0.11
C ARG A 530 -6.01 -16.94 -0.37
N ARG A 531 -6.17 -16.18 -1.45
CA ARG A 531 -5.06 -15.39 -1.97
C ARG A 531 -4.78 -14.16 -1.11
N ALA A 532 -5.83 -13.65 -0.48
CA ALA A 532 -5.70 -12.51 0.41
C ALA A 532 -6.05 -12.89 1.84
N ALA A 533 -5.57 -14.05 2.29
CA ALA A 533 -5.84 -14.53 3.65
C ALA A 533 -5.52 -13.49 4.73
N PHE A 534 -4.46 -12.70 4.53
CA PHE A 534 -4.07 -11.66 5.45
C PHE A 534 -5.21 -10.70 5.77
N ALA A 535 -6.07 -10.50 4.78
CA ALA A 535 -7.11 -9.47 4.83
C ALA A 535 -8.30 -9.95 5.65
N THR A 536 -8.31 -11.21 6.06
CA THR A 536 -9.39 -11.74 6.88
C THR A 536 -9.24 -11.47 8.37
N LYS A 537 -8.07 -11.00 8.81
CA LYS A 537 -7.84 -10.77 10.24
C LYS A 537 -7.12 -9.43 10.39
N ASP A 538 -7.39 -8.76 11.49
CA ASP A 538 -6.87 -7.41 11.72
C ASP A 538 -5.40 -7.33 12.09
N LEU A 539 -4.88 -8.35 12.76
CA LEU A 539 -3.53 -8.26 13.29
C LEU A 539 -2.86 -9.61 13.28
N TRP A 540 -1.67 -9.66 12.70
CA TRP A 540 -0.82 -10.84 12.69
C TRP A 540 0.53 -10.48 13.30
N VAL A 541 1.14 -11.41 14.04
CA VAL A 541 2.49 -11.22 14.51
C VAL A 541 3.37 -12.39 14.10
N THR A 542 4.46 -12.10 13.40
CA THR A 542 5.44 -13.12 13.08
C THR A 542 6.81 -12.84 13.70
N ARG A 543 7.58 -13.90 13.79
CA ARG A 543 9.01 -13.84 14.05
C ARG A 543 9.71 -13.36 12.77
N TYR A 544 10.63 -12.42 12.89
CA TYR A 544 11.30 -11.85 11.73
C TYR A 544 12.08 -12.92 11.00
N ALA A 545 11.97 -12.91 9.67
CA ALA A 545 12.84 -13.67 8.78
C ALA A 545 13.08 -12.82 7.55
N ASP A 546 14.27 -12.91 6.96
CA ASP A 546 14.58 -12.01 5.84
C ASP A 546 13.79 -12.30 4.57
N ASP A 547 13.26 -13.51 4.42
CA ASP A 547 12.46 -13.87 3.23
C ASP A 547 10.92 -13.76 3.40
N GLU A 548 10.45 -13.25 4.53
CA GLU A 548 9.03 -13.06 4.78
C GLU A 548 8.73 -11.58 4.65
N ARG A 549 8.57 -11.15 3.40
CA ARG A 549 8.47 -9.75 3.03
C ARG A 549 7.04 -9.24 2.83
N TYR A 550 6.16 -10.07 2.28
CA TYR A 550 4.85 -9.66 1.85
C TYR A 550 3.83 -10.63 2.41
N PRO A 551 2.64 -10.15 2.79
CA PRO A 551 1.68 -11.07 3.41
C PRO A 551 1.07 -12.06 2.41
N THR A 552 1.30 -11.77 1.12
CA THR A 552 0.88 -12.56 -0.03
C THR A 552 2.01 -13.33 -0.73
N GLY A 553 3.22 -13.33 -0.17
CA GLY A 553 4.38 -13.90 -0.84
C GLY A 553 4.97 -13.00 -1.93
N ASP A 554 6.06 -13.50 -2.53
CA ASP A 554 6.81 -12.74 -3.53
C ASP A 554 6.09 -12.62 -4.85
N PHE A 555 5.32 -13.62 -5.23
CA PHE A 555 4.70 -13.68 -6.55
C PHE A 555 3.19 -13.85 -6.38
N VAL A 556 2.47 -12.75 -6.53
CA VAL A 556 1.05 -12.72 -6.26
C VAL A 556 0.23 -12.97 -7.53
N ASN A 557 0.70 -12.43 -8.65
CA ASN A 557 0.01 -12.54 -9.95
C ASN A 557 -0.29 -14.00 -10.31
N GLN A 558 -1.58 -14.32 -10.43
CA GLN A 558 -2.04 -15.65 -10.82
C GLN A 558 -1.49 -16.72 -9.91
N HIS A 559 -1.36 -16.39 -8.64
CA HIS A 559 -0.79 -17.31 -7.68
C HIS A 559 -1.85 -17.71 -6.67
N SER A 560 -2.09 -19.01 -6.53
CA SER A 560 -3.04 -19.48 -5.54
C SER A 560 -2.48 -19.25 -4.13
N GLY A 561 -3.26 -19.64 -3.12
CA GLY A 561 -2.75 -19.75 -1.78
C GLY A 561 -1.61 -20.77 -1.77
N GLY A 562 -0.85 -20.76 -0.69
CA GLY A 562 0.38 -21.55 -0.56
C GLY A 562 1.49 -20.79 0.18
N ALA A 563 1.58 -19.48 -0.06
CA ALA A 563 2.66 -18.65 0.48
C ALA A 563 2.08 -17.54 1.39
N GLY A 564 2.91 -16.60 1.82
CA GLY A 564 2.43 -15.51 2.65
C GLY A 564 2.13 -15.88 4.09
N LEU A 565 1.39 -15.01 4.76
CA LEU A 565 1.22 -15.06 6.22
C LEU A 565 0.77 -16.40 6.79
N PRO A 566 -0.25 -17.04 6.23
CA PRO A 566 -0.69 -18.33 6.80
C PRO A 566 0.42 -19.38 6.79
N SER A 567 1.29 -19.36 5.79
CA SER A 567 2.41 -20.28 5.77
C SER A 567 3.53 -19.84 6.73
N TYR A 568 3.73 -18.53 6.89
CA TYR A 568 4.72 -18.06 7.84
C TYR A 568 4.39 -18.47 9.28
N ILE A 569 3.15 -18.28 9.71
CA ILE A 569 2.80 -18.53 11.10
C ILE A 569 2.73 -20.00 11.46
N ALA A 570 2.56 -20.88 10.47
CA ALA A 570 2.59 -22.32 10.71
C ALA A 570 3.88 -22.79 11.38
N GLN A 571 4.95 -22.02 11.22
CA GLN A 571 6.21 -22.34 11.86
C GLN A 571 6.13 -22.26 13.40
N ASP A 572 5.07 -21.61 13.89
CA ASP A 572 4.74 -21.49 15.32
C ASP A 572 5.92 -21.07 16.20
N ARG A 573 6.61 -20.03 15.77
CA ARG A 573 7.86 -19.60 16.38
C ARG A 573 7.60 -18.72 17.60
N ASP A 574 8.60 -18.65 18.49
CA ASP A 574 8.55 -17.83 19.68
C ASP A 574 8.56 -16.34 19.32
N ILE A 575 7.58 -15.60 19.83
CA ILE A 575 7.48 -14.14 19.62
C ILE A 575 7.43 -13.37 20.94
N ASP A 576 7.75 -14.07 22.03
CA ASP A 576 7.74 -13.49 23.36
C ASP A 576 9.13 -12.99 23.76
N GLY A 577 9.46 -11.79 23.34
CA GLY A 577 10.77 -11.23 23.63
C GLY A 577 11.74 -11.66 22.55
N GLN A 578 11.36 -11.36 21.31
CA GLN A 578 12.12 -11.74 20.13
C GLN A 578 11.98 -10.66 19.07
N ASP A 579 12.69 -10.83 17.96
CA ASP A 579 12.65 -9.89 16.86
C ASP A 579 11.37 -10.19 16.09
N ILE A 580 10.38 -9.30 16.18
CA ILE A 580 9.07 -9.56 15.63
C ILE A 580 8.59 -8.51 14.65
N VAL A 581 7.56 -8.90 13.92
CA VAL A 581 6.92 -8.12 12.86
C VAL A 581 5.41 -8.19 13.06
N VAL A 582 4.81 -7.02 13.07
CA VAL A 582 3.37 -6.85 13.18
C VAL A 582 2.84 -6.53 11.80
N TRP A 583 1.78 -7.23 11.42
CA TRP A 583 1.15 -6.99 10.14
C TRP A 583 -0.30 -6.59 10.40
N HIS A 584 -0.63 -5.33 10.14
CA HIS A 584 -1.95 -4.79 10.45
C HIS A 584 -2.76 -4.62 9.17
N THR A 585 -3.88 -5.32 9.11
CA THR A 585 -4.87 -5.18 8.05
C THR A 585 -5.87 -4.07 8.37
N PHE A 586 -6.13 -3.20 7.40
CA PHE A 586 -7.09 -2.10 7.58
C PHE A 586 -7.59 -1.69 6.21
N GLY A 587 -8.88 -1.40 6.13
CA GLY A 587 -9.46 -1.07 4.83
C GLY A 587 -10.70 -0.26 4.82
N LEU A 588 -11.10 0.13 3.61
CA LEU A 588 -12.33 0.86 3.37
C LEU A 588 -13.28 -0.05 2.67
N THR A 589 -14.53 -0.04 3.09
CA THR A 589 -15.59 -0.78 2.41
C THR A 589 -16.46 0.25 1.69
N HIS A 590 -16.49 0.16 0.37
CA HIS A 590 -17.05 1.23 -0.45
C HIS A 590 -18.32 0.77 -1.18
N PHE A 591 -19.42 1.43 -0.81
CA PHE A 591 -20.67 1.37 -1.54
C PHE A 591 -20.79 2.72 -2.24
N PRO A 592 -20.40 2.81 -3.51
CA PRO A 592 -20.25 4.15 -4.11
C PRO A 592 -21.55 4.96 -4.10
N ARG A 593 -21.39 6.25 -3.87
CA ARG A 593 -22.51 7.15 -3.81
C ARG A 593 -22.48 8.01 -5.03
N VAL A 594 -23.61 8.61 -5.33
CA VAL A 594 -23.69 9.61 -6.42
C VAL A 594 -22.60 10.70 -6.30
N GLU A 595 -22.25 11.09 -5.09
CA GLU A 595 -21.21 12.12 -4.87
C GLU A 595 -19.81 11.69 -5.28
N ASP A 596 -19.60 10.40 -5.50
CA ASP A 596 -18.31 9.87 -5.95
C ASP A 596 -18.09 10.05 -7.45
N TRP A 597 -19.14 10.46 -8.17
CA TRP A 597 -19.18 10.54 -9.61
C TRP A 597 -19.28 12.01 -10.04
N PRO A 598 -18.56 12.47 -11.05
CA PRO A 598 -17.69 11.71 -11.95
C PRO A 598 -16.23 11.55 -11.53
N ILE A 599 -15.84 12.22 -10.45
CA ILE A 599 -14.53 12.00 -9.85
C ILE A 599 -14.71 12.01 -8.32
N MET A 600 -14.06 11.07 -7.68
CA MET A 600 -14.27 10.79 -6.26
C MET A 600 -13.55 11.76 -5.32
N PRO A 601 -14.27 12.40 -4.40
CA PRO A 601 -13.61 13.12 -3.30
C PRO A 601 -12.86 12.14 -2.42
N VAL A 602 -11.75 12.60 -1.87
CA VAL A 602 -10.88 11.73 -1.06
C VAL A 602 -11.63 11.11 0.10
N ASP A 603 -11.42 9.81 0.30
CA ASP A 603 -11.81 9.18 1.56
C ASP A 603 -10.54 8.59 2.17
N THR A 604 -10.55 8.31 3.47
CA THR A 604 -9.36 7.94 4.19
C THR A 604 -9.50 6.78 5.11
N VAL A 605 -8.39 6.11 5.34
CA VAL A 605 -8.32 5.07 6.35
C VAL A 605 -6.88 4.97 6.82
N GLY A 606 -6.66 4.38 7.99
CA GLY A 606 -5.32 4.33 8.51
C GLY A 606 -5.22 3.72 9.88
N PHE A 607 -4.14 4.08 10.57
CA PHE A 607 -3.91 3.58 11.93
C PHE A 607 -2.84 4.45 12.56
N LYS A 608 -2.66 4.30 13.86
CA LYS A 608 -1.55 4.99 14.51
C LYS A 608 -1.03 4.20 15.68
N LEU A 609 0.18 4.56 16.09
CA LEU A 609 0.80 3.99 17.28
C LEU A 609 1.26 5.13 18.18
N ARG A 610 0.94 5.02 19.45
CA ARG A 610 1.26 6.09 20.40
C ARG A 610 2.12 5.52 21.49
N PRO A 611 3.06 6.30 22.02
CA PRO A 611 3.89 5.83 23.12
C PRO A 611 3.03 5.43 24.33
N GLU A 612 3.44 4.36 24.98
CA GLU A 612 2.69 3.82 26.11
C GLU A 612 3.72 3.44 27.18
N GLY A 613 4.08 4.40 28.01
CA GLY A 613 5.16 4.21 28.97
C GLY A 613 6.54 4.09 28.34
N PHE A 614 6.68 4.56 27.11
CA PHE A 614 7.95 4.56 26.44
C PHE A 614 8.85 5.62 27.10
N PHE A 615 8.26 6.79 27.37
CA PHE A 615 8.99 7.93 27.88
C PHE A 615 8.78 7.98 29.40
N ASP A 616 9.64 8.71 30.10
CA ASP A 616 9.51 8.86 31.55
C ASP A 616 8.56 9.96 32.01
N ARG A 617 8.03 10.71 31.04
CA ARG A 617 7.07 11.80 31.23
C ARG A 617 6.79 12.31 29.82
N SER A 618 5.93 13.33 29.68
CA SER A 618 5.69 13.92 28.38
C SER A 618 7.00 14.22 27.69
N PRO A 619 7.17 13.83 26.42
CA PRO A 619 8.38 14.17 25.66
C PRO A 619 8.36 15.57 25.02
N VAL A 620 7.32 16.36 25.29
CA VAL A 620 7.19 17.69 24.66
C VAL A 620 7.15 18.84 25.69
N LEU A 621 7.78 18.63 26.84
CA LEU A 621 7.91 19.67 27.85
C LEU A 621 8.88 20.75 27.40
N ASP A 622 9.75 20.41 26.45
CA ASP A 622 10.78 21.35 26.02
C ASP A 622 10.41 22.12 24.75
N VAL A 623 9.17 21.96 24.29
CA VAL A 623 8.66 22.73 23.17
C VAL A 623 8.43 24.19 23.64
N PRO A 624 8.95 25.17 22.90
CA PRO A 624 8.81 26.58 23.30
C PRO A 624 7.43 27.17 23.03
N ALA A 625 7.13 28.29 23.67
CA ALA A 625 5.92 29.06 23.35
C ALA A 625 6.08 29.71 21.99
N ASN A 626 4.95 30.05 21.37
CA ASN A 626 4.93 31.01 20.24
C ASN A 626 6.05 30.81 19.22
CU CU B . -13.55 2.50 -3.69
NA NA C . 11.39 -6.63 14.71
CM2 R6A D . -6.24 -2.53 -11.88
NNG R6A D . -7.17 -1.77 -12.71
CM1 R6A D . -8.56 -1.69 -12.29
CNE R6A D . -6.74 -1.12 -13.89
CNF R6A D . -5.37 -1.09 -14.23
CNA R6A D . -4.93 -0.45 -15.39
CNB R6A D . -5.85 0.17 -16.23
CNC R6A D . -7.20 0.14 -15.91
CND R6A D . -7.65 -0.50 -14.75
OL5 R6A D . -3.59 -0.40 -15.67
CL4 R6A D . -2.74 0.13 -14.64
CL3 R6A D . -1.46 0.82 -15.08
CL2 R6A D . -1.49 1.42 -16.49
CL1 R6A D . -0.08 1.57 -17.00
CAK R6A D . 2.23 5.78 -18.27
CAJ R6A D . 3.09 5.83 -17.14
CAB R6A D . 2.10 7.00 -19.07
CAC R6A D . 2.83 8.19 -18.71
CAH R6A D . 3.71 8.18 -17.54
CA0 R6A D . 1.42 4.63 -18.76
CAI R6A D . 3.80 7.00 -16.80
CAG R6A D . 4.36 9.38 -17.29
CAF R6A D . 4.15 10.48 -18.14
CAE R6A D . 3.29 10.43 -19.25
NAD R6A D . 2.64 9.29 -19.55
NAA R6A D . 1.30 7.10 -20.20
CAN R6A D . 0.58 6.04 -20.60
CAM R6A D . 0.63 4.83 -19.91
RU R6A D . 1.31 8.96 -21.10
NCL R6A D . 2.55 8.04 -22.49
CCK R6A D . 3.77 7.83 -22.20
CCJ R6A D . 4.61 7.23 -23.06
CCI R6A D . 4.13 6.82 -24.37
CCG R6A D . 2.03 7.72 -23.62
CCH R6A D . 2.86 7.06 -24.66
CCF R6A D . 0.58 8.05 -23.80
CCE R6A D . -0.18 7.80 -24.93
CCD R6A D . -1.52 8.17 -24.93
CCC R6A D . -2.07 8.80 -23.80
CCB R6A D . -1.28 9.04 -22.68
NCA R6A D . 0.02 8.67 -22.68
NBL R6A D . 0.04 9.93 -19.79
CBK R6A D . -0.50 9.28 -18.83
CL0 R6A D . 0.03 2.68 -18.04
CBJ R6A D . -1.35 9.84 -17.96
CBI R6A D . -1.67 11.25 -18.12
CL5 R6A D . 1.42 3.30 -18.05
CBG R6A D . -0.18 11.17 -20.01
CBH R6A D . -1.09 11.92 -19.12
CBF R6A D . 0.52 11.77 -21.20
CBE R6A D . 0.41 13.09 -21.62
CBD R6A D . 1.13 13.49 -22.74
CBC R6A D . 1.92 12.56 -23.43
CBB R6A D . 2.01 11.25 -22.98
NBA R6A D . 1.31 10.86 -21.90
HM23 R6A D . -6.74 -2.98 -11.08
HM22 R6A D . -5.49 -1.87 -11.50
HM21 R6A D . -5.79 -3.28 -12.48
HM13 R6A D . -8.71 -2.22 -11.39
HM12 R6A D . -8.83 -0.68 -12.14
HM11 R6A D . -9.20 -2.10 -13.03
HNF R6A D . -4.64 -1.55 -13.58
HNB R6A D . -5.52 0.67 -17.13
HNC R6A D . -7.92 0.62 -16.57
HND R6A D . -8.71 -0.51 -14.54
HL61 R6A D . -2.46 -0.67 -13.95
HL62 R6A D . -3.31 0.85 -14.06
HL51 R6A D . -0.62 0.12 -15.01
HL52 R6A D . -1.25 1.63 -14.38
HL41 R6A D . -1.99 2.39 -16.44
HL42 R6A D . -2.07 0.78 -17.16
HL31 R6A D . 0.26 0.63 -17.46
HL32 R6A D . 0.59 1.78 -16.16
HAJ R6A D . 3.21 4.94 -16.53
HAI R6A D . 4.45 6.98 -15.93
HAG R6A D . 5.03 9.47 -16.43
HAF R6A D . 4.67 11.41 -17.93
HAE R6A D . 3.16 11.31 -19.88
HAN R6A D . -0.04 6.14 -21.48
HAM R6A D . 0.03 4.01 -20.28
HCK R6A D . 4.15 8.12 -21.24
HCJ R6A D . 5.64 7.06 -22.78
HCI R6A D . 4.78 6.34 -25.09
HCH R6A D . 2.44 6.78 -25.61
HCE R6A D . 0.24 7.31 -25.81
HCD R6A D . -2.15 7.99 -25.80
HCC R6A D . -3.12 9.08 -23.80
HCB R6A D . -1.71 9.52 -21.81
HBK R6A D . -0.27 8.23 -18.70
HL21 R6A D . -0.71 3.45 -17.83
HL22 R6A D . -0.19 2.25 -19.02
HBJ R6A D . -1.78 9.27 -17.17
HBI R6A D . -2.35 11.74 -17.45
HL11 R6A D . 2.11 2.62 -18.55
HL12 R6A D . 1.77 3.43 -17.02
HBH R6A D . -1.29 12.96 -19.28
HBE R6A D . -0.20 13.81 -21.09
HBD R6A D . 1.07 14.51 -23.09
HBC R6A D . 2.48 12.88 -24.31
HBB R6A D . 2.63 10.54 -23.52
S SO4 E . -6.46 25.79 15.57
O1 SO4 E . -7.34 26.40 16.56
O2 SO4 E . -7.27 25.24 14.50
O3 SO4 E . -5.55 26.78 14.98
O4 SO4 E . -5.75 24.67 16.22
S SO4 F . 25.05 15.35 2.83
O1 SO4 F . 23.95 15.44 1.87
O2 SO4 F . 25.56 13.97 2.92
O3 SO4 F . 26.12 16.22 2.39
O4 SO4 F . 24.59 15.79 4.15
S SO4 G . 14.50 -19.29 19.19
O1 SO4 G . 13.09 -18.93 19.36
O2 SO4 G . 14.62 -20.17 18.02
O3 SO4 G . 15.36 -18.12 19.05
O4 SO4 G . 14.93 -20.02 20.39
C1 GOL H . -1.49 -16.29 -0.40
O1 GOL H . -1.67 -15.04 0.22
C2 GOL H . -0.35 -16.23 -1.41
O2 GOL H . -0.03 -17.54 -1.84
C3 GOL H . -0.73 -15.32 -2.59
O3 GOL H . 0.37 -15.25 -3.49
H11 GOL H . -2.41 -16.58 -0.90
H12 GOL H . -1.27 -17.04 0.36
H2 GOL H . 0.51 -15.80 -0.89
H31 GOL H . -0.98 -14.32 -2.24
H32 GOL H . -1.61 -15.73 -3.11
C1 GOL I . -22.73 4.88 -26.04
O1 GOL I . -24.05 4.81 -25.52
C2 GOL I . -21.92 5.99 -25.34
O2 GOL I . -22.58 7.24 -25.47
C3 GOL I . -20.53 6.05 -25.98
O3 GOL I . -20.64 6.53 -27.31
H11 GOL I . -22.78 5.07 -27.10
H12 GOL I . -22.23 3.92 -25.89
H2 GOL I . -21.81 5.74 -24.29
H31 GOL I . -20.09 5.05 -25.98
H32 GOL I . -19.90 6.72 -25.39
C1 GOL J . 17.71 -5.43 23.17
C1 GOL J . 17.62 -5.59 23.19
O1 GOL J . 16.49 -4.84 22.77
C2 GOL J . 18.84 -5.09 22.21
C2 GOL J . 18.52 -6.01 22.03
O2 GOL J . 18.87 -3.69 21.96
O2 GOL J . 17.92 -7.04 21.29
C3 GOL J . 18.70 -5.88 20.90
C3 GOL J . 18.90 -4.82 21.15
O3 GOL J . 18.47 -5.01 19.82
H11 GOL J . 17.59 -6.51 23.23
H11 GOL J . 17.27 -6.47 23.73
H12 GOL J . 17.96 -5.07 24.17
H12 GOL J . 18.19 -4.99 23.90
HO1 GOL J . 16.30 -5.04 21.84
H2 GOL J . 19.78 -5.38 22.67
H2 GOL J . 19.45 -6.39 22.47
H31 GOL J . 17.86 -6.58 20.98
H31 GOL J . 19.99 -4.70 21.16
H32 GOL J . 19.60 -6.46 20.73
H32 GOL J . 18.47 -3.90 21.54
C1 GOL K . 10.91 16.51 27.05
O1 GOL K . 9.66 16.54 27.72
C2 GOL K . 12.02 17.03 27.96
O2 GOL K . 13.27 16.73 27.34
C3 GOL K . 11.97 16.42 29.36
O3 GOL K . 11.73 15.03 29.28
H11 GOL K . 10.86 17.12 26.16
H12 GOL K . 11.14 15.49 26.75
H2 GOL K . 11.92 18.11 28.05
H31 GOL K . 11.18 16.90 29.93
H32 GOL K . 12.92 16.61 29.87
C1 GOL L . -4.01 19.22 5.97
O1 GOL L . -3.04 19.85 6.76
C2 GOL L . -3.76 17.71 6.01
O2 GOL L . -2.62 17.44 5.22
C3 GOL L . -4.95 16.87 5.51
O3 GOL L . -4.93 15.61 6.14
H11 GOL L . -3.95 19.58 4.95
H12 GOL L . -5.01 19.44 6.36
H2 GOL L . -3.57 17.44 7.04
H31 GOL L . -4.87 16.75 4.43
H32 GOL L . -5.87 17.39 5.72
#